data_8TR9
#
_entry.id   8TR9
#
_cell.length_a   1.00
_cell.length_b   1.00
_cell.length_c   1.00
_cell.angle_alpha   90.00
_cell.angle_beta   90.00
_cell.angle_gamma   90.00
#
_symmetry.space_group_name_H-M   'P 1'
#
loop_
_entity.id
_entity.type
_entity.pdbx_description
1 polymer 'Protein-glutamine gamma-glutamyltransferase 2'
2 non-polymer "GUANOSINE-5'-DIPHOSPHATE"
#
_entity_poly.entity_id   1
_entity_poly.type   'polypeptide(L)'
_entity_poly.pdbx_seq_one_letter_code
;MAEELVLERCDLELETNGRDHHTADLCREKLVVRRGQPFWLTLHFEGRNYEASVDSLTFSVVTGPAPSQEAGTKARFPLR
DAVEEGDWTATVVDQQDCTLSLQLTTPANAPIGLYRLSLEASTGYQGSSFVLGHFILLFNAWCPADAVYLDSEEERQEYV
LTQQGFIYQGSAKFIKNIPWNFGQFEDGILDICLILLDVNPKFLKNAGRDCSRRSSPVYVGRVVSGMVNCNDDQGVLLGR
WDNNYGDGVSPMSWIGSVDILRRWKNHGCQRVKYGQCWVFAAVACTVLRCLGIPTRVVTNYNSAHDQNSNLLIEYFRNEF
GEIQGDKSEMIWNFHCWVESWMTRPDLQPGYEGWQALDPTPQEKSEGTYCCGPVPVRAIKEGDLSTKYDAPFVFAEVNAD
VVDWIQQDDGSVHKSINRSLIVGLKISTKSVGRDEREDITHTYKYPEGSSEEREAFTRANHLNKLAEKEETGMAMRIRVG
QSMNMGSDFDVFAHITNNTAEEYVCRLLLCARTVSYNGILGPECGTKYLLNLNLEPFSEKSVPLCILYEKYRDCLTESNL
IKVRALLVEPVINSYLLAERDLYLENPEIKIRILGEPKQKRKLVAEVSLQNPLPVALEGCTFTVEGAGLTEEQKTVEIPD
PVEAGEEVKVRMDLLPLHMGLHKLVVNFESDKLKAVKGFRNVIIGPA
;
_entity_poly.pdbx_strand_id   A
#
loop_
_chem_comp.id
_chem_comp.type
_chem_comp.name
_chem_comp.formula
GDP RNA linking GUANOSINE-5'-DIPHOSPHATE 'C10 H15 N5 O11 P2'
#
# COMPACT_ATOMS: atom_id res chain seq x y z
N GLU A 4 40.33 13.91 -35.58
CA GLU A 4 39.99 12.65 -34.92
C GLU A 4 38.54 12.27 -35.16
N LEU A 5 38.13 11.15 -34.59
CA LEU A 5 36.78 10.63 -34.79
C LEU A 5 35.83 11.36 -33.84
N VAL A 6 35.42 12.55 -34.26
CA VAL A 6 34.53 13.38 -33.46
C VAL A 6 33.08 13.04 -33.82
N LEU A 7 32.19 13.18 -32.84
CA LEU A 7 30.78 12.87 -33.00
C LEU A 7 29.95 14.14 -32.77
N GLU A 8 28.90 14.31 -33.57
CA GLU A 8 28.09 15.52 -33.50
C GLU A 8 26.86 15.36 -32.60
N ARG A 9 26.22 14.19 -32.61
CA ARG A 9 25.09 13.96 -31.73
C ARG A 9 24.95 12.47 -31.48
N CYS A 10 24.39 12.12 -30.33
CA CYS A 10 24.13 10.74 -29.96
C CYS A 10 22.62 10.56 -29.86
N ASP A 11 22.08 9.63 -30.63
CA ASP A 11 20.63 9.44 -30.73
C ASP A 11 20.24 8.25 -29.87
N LEU A 12 19.73 8.52 -28.67
CA LEU A 12 19.12 7.48 -27.86
C LEU A 12 17.78 7.10 -28.47
N GLU A 13 17.59 5.81 -28.71
CA GLU A 13 16.34 5.32 -29.30
C GLU A 13 15.30 5.20 -28.20
N LEU A 14 14.63 6.33 -27.91
CA LEU A 14 13.67 6.36 -26.82
C LEU A 14 12.49 5.43 -27.10
N GLU A 15 11.98 5.43 -28.32
CA GLU A 15 10.79 4.62 -28.62
C GLU A 15 11.09 3.13 -28.51
N THR A 16 12.16 2.67 -29.16
CA THR A 16 12.49 1.24 -29.16
C THR A 16 12.83 0.78 -27.75
N ASN A 17 13.64 1.55 -27.03
CA ASN A 17 14.01 1.16 -25.67
C ASN A 17 12.79 1.14 -24.75
N GLY A 18 11.91 2.14 -24.88
CA GLY A 18 10.71 2.15 -24.07
C GLY A 18 9.80 0.97 -24.35
N ARG A 19 9.66 0.62 -25.63
CA ARG A 19 8.83 -0.53 -25.98
C ARG A 19 9.43 -1.84 -25.47
N ASP A 20 10.75 -1.98 -25.59
CA ASP A 20 11.38 -3.24 -25.20
C ASP A 20 11.42 -3.40 -23.69
N HIS A 21 11.78 -2.35 -22.97
CA HIS A 21 11.97 -2.41 -21.52
C HIS A 21 10.70 -2.10 -20.74
N HIS A 22 9.57 -1.91 -21.42
CA HIS A 22 8.29 -1.59 -20.78
C HIS A 22 8.37 -0.32 -19.94
N THR A 23 9.21 0.63 -20.36
CA THR A 23 9.31 1.94 -19.76
C THR A 23 8.89 3.02 -20.76
N ALA A 24 7.88 2.71 -21.58
CA ALA A 24 7.44 3.66 -22.60
C ALA A 24 6.91 4.95 -21.97
N ASP A 25 6.16 4.83 -20.88
CA ASP A 25 5.62 6.02 -20.22
C ASP A 25 6.73 6.88 -19.63
N LEU A 26 7.76 6.26 -19.05
CA LEU A 26 8.84 7.01 -18.43
C LEU A 26 9.79 7.63 -19.45
N CYS A 27 9.92 7.04 -20.64
CA CYS A 27 10.86 7.52 -21.65
C CYS A 27 10.27 8.68 -22.44
N ARG A 28 10.01 9.78 -21.73
CA ARG A 28 9.49 11.00 -22.35
C ARG A 28 10.63 11.82 -22.94
N GLU A 29 11.56 12.25 -22.10
CA GLU A 29 12.70 13.05 -22.53
C GLU A 29 14.04 12.43 -22.21
N LYS A 30 14.13 11.62 -21.18
CA LYS A 30 15.36 10.94 -20.79
C LYS A 30 15.18 9.44 -20.94
N LEU A 31 16.28 8.76 -21.27
CA LEU A 31 16.26 7.31 -21.44
C LEU A 31 16.08 6.63 -20.09
N VAL A 32 15.17 5.67 -20.03
CA VAL A 32 14.88 4.92 -18.81
C VAL A 32 14.84 3.45 -19.19
N VAL A 33 15.85 2.68 -18.77
CA VAL A 33 15.94 1.27 -19.11
C VAL A 33 16.06 0.47 -17.82
N ARG A 34 15.98 -0.86 -17.98
CA ARG A 34 16.03 -1.78 -16.86
C ARG A 34 17.30 -2.62 -16.94
N ARG A 35 17.89 -2.91 -15.80
CA ARG A 35 19.14 -3.66 -15.75
C ARG A 35 18.93 -5.08 -16.25
N GLY A 36 20.00 -5.66 -16.80
CA GLY A 36 19.95 -7.02 -17.29
C GLY A 36 19.40 -7.19 -18.68
N GLN A 37 19.12 -6.11 -19.40
CA GLN A 37 18.59 -6.20 -20.75
C GLN A 37 19.40 -5.33 -21.69
N PRO A 38 19.57 -5.75 -22.95
CA PRO A 38 20.29 -4.94 -23.92
C PRO A 38 19.40 -3.83 -24.47
N PHE A 39 19.85 -2.59 -24.37
CA PHE A 39 19.13 -1.45 -24.91
C PHE A 39 19.90 -0.87 -26.09
N TRP A 40 19.15 -0.36 -27.07
CA TRP A 40 19.73 0.12 -28.31
C TRP A 40 20.27 1.53 -28.15
N LEU A 41 21.12 1.93 -29.11
CA LEU A 41 21.69 3.27 -29.12
C LEU A 41 22.20 3.53 -30.53
N THR A 42 22.31 4.82 -30.89
CA THR A 42 22.71 5.22 -32.22
C THR A 42 23.73 6.35 -32.16
N LEU A 43 24.80 6.23 -32.95
CA LEU A 43 25.82 7.25 -33.06
C LEU A 43 25.87 7.79 -34.48
N HIS A 44 26.04 9.10 -34.61
CA HIS A 44 26.03 9.78 -35.90
C HIS A 44 27.40 10.44 -36.13
N PHE A 45 28.31 9.71 -36.76
CA PHE A 45 29.59 10.28 -37.14
C PHE A 45 29.50 10.92 -38.52
N GLU A 46 30.17 12.06 -38.70
CA GLU A 46 29.90 12.88 -39.87
C GLU A 46 30.48 12.26 -41.14
N GLY A 47 31.79 12.08 -41.21
CA GLY A 47 32.41 11.66 -42.46
C GLY A 47 33.23 10.39 -42.42
N ARG A 48 33.90 10.11 -41.29
CA ARG A 48 34.81 8.98 -41.25
C ARG A 48 34.06 7.72 -40.83
N ASN A 49 32.85 7.91 -40.29
CA ASN A 49 31.97 6.83 -39.86
C ASN A 49 32.74 6.04 -38.79
N TYR A 50 33.10 4.78 -39.02
CA TYR A 50 33.81 3.99 -38.02
C TYR A 50 34.43 2.79 -38.70
N GLU A 51 35.70 2.51 -38.36
CA GLU A 51 36.41 1.33 -38.84
C GLU A 51 37.07 0.66 -37.63
N ALA A 52 36.77 -0.61 -37.41
CA ALA A 52 37.29 -1.34 -36.27
C ALA A 52 38.81 -1.49 -36.34
N SER A 53 39.36 -1.34 -37.54
CA SER A 53 40.80 -1.49 -37.73
C SER A 53 41.61 -0.47 -36.94
N VAL A 54 41.18 0.79 -36.96
CA VAL A 54 41.92 1.87 -36.32
C VAL A 54 41.12 2.58 -35.23
N ASP A 55 39.79 2.51 -35.25
CA ASP A 55 38.97 3.17 -34.24
C ASP A 55 38.62 2.19 -33.14
N SER A 56 38.85 2.61 -31.89
CA SER A 56 38.55 1.78 -30.73
C SER A 56 37.68 2.60 -29.77
N LEU A 57 36.51 2.07 -29.45
CA LEU A 57 35.58 2.73 -28.55
C LEU A 57 35.49 1.97 -27.24
N THR A 58 35.67 2.69 -26.13
CA THR A 58 35.56 2.13 -24.78
C THR A 58 34.60 3.01 -23.98
N PHE A 59 33.39 2.51 -23.75
CA PHE A 59 32.42 3.25 -22.95
C PHE A 59 32.84 3.28 -21.50
N SER A 60 32.52 4.39 -20.82
CA SER A 60 32.68 4.47 -19.37
C SER A 60 31.40 5.04 -18.78
N VAL A 61 30.75 4.29 -17.90
CA VAL A 61 29.50 4.69 -17.30
C VAL A 61 29.72 4.98 -15.82
N VAL A 62 29.16 6.10 -15.37
CA VAL A 62 29.44 6.66 -14.05
C VAL A 62 28.12 6.87 -13.31
N THR A 63 28.11 6.53 -12.02
CA THR A 63 26.95 6.69 -11.16
C THR A 63 27.38 7.18 -9.80
N GLY A 64 26.56 8.01 -9.16
CA GLY A 64 26.76 8.41 -7.79
C GLY A 64 27.81 9.48 -7.64
N PRO A 65 27.82 10.15 -6.49
CA PRO A 65 28.82 11.20 -6.25
C PRO A 65 30.20 10.66 -5.93
N ALA A 66 30.32 9.40 -5.57
CA ALA A 66 31.61 8.78 -5.25
C ALA A 66 31.73 7.46 -6.01
N PRO A 67 31.97 7.53 -7.32
CA PRO A 67 32.07 6.30 -8.11
C PRO A 67 33.34 5.53 -7.78
N SER A 68 33.25 4.21 -7.93
CA SER A 68 34.40 3.33 -7.76
C SER A 68 34.09 2.01 -8.44
N GLN A 69 35.09 1.46 -9.14
CA GLN A 69 34.88 0.25 -9.94
C GLN A 69 34.52 -0.94 -9.06
N GLU A 70 35.18 -1.09 -7.91
CA GLU A 70 34.95 -2.25 -7.06
C GLU A 70 33.54 -2.25 -6.47
N ALA A 71 32.92 -1.07 -6.33
CA ALA A 71 31.58 -0.99 -5.78
C ALA A 71 30.50 -1.18 -6.81
N GLY A 72 30.84 -1.22 -8.10
CA GLY A 72 29.88 -1.42 -9.16
C GLY A 72 29.24 -0.15 -9.69
N THR A 73 29.54 1.01 -9.11
CA THR A 73 28.94 2.25 -9.59
C THR A 73 29.52 2.66 -10.93
N LYS A 74 30.83 2.59 -11.09
CA LYS A 74 31.52 2.98 -12.31
C LYS A 74 31.96 1.73 -13.07
N ALA A 75 31.70 1.69 -14.37
CA ALA A 75 32.08 0.54 -15.18
C ALA A 75 32.61 1.00 -16.53
N ARG A 76 33.79 0.51 -16.89
CA ARG A 76 34.40 0.82 -18.18
C ARG A 76 34.51 -0.47 -18.98
N PHE A 77 34.01 -0.43 -20.22
CA PHE A 77 33.96 -1.62 -21.06
C PHE A 77 34.20 -1.26 -22.51
N PRO A 78 34.98 -2.08 -23.23
CA PRO A 78 35.30 -1.75 -24.62
C PRO A 78 34.19 -2.13 -25.59
N LEU A 79 34.44 -1.92 -26.88
CA LEU A 79 33.46 -2.23 -27.92
C LEU A 79 33.80 -3.59 -28.54
N ARG A 80 33.40 -4.65 -27.86
CA ARG A 80 33.62 -6.01 -28.34
C ARG A 80 32.52 -6.34 -29.34
N ASP A 81 32.90 -6.51 -30.62
CA ASP A 81 31.94 -6.71 -31.68
C ASP A 81 31.38 -8.13 -31.72
N ALA A 82 32.07 -9.10 -31.14
CA ALA A 82 31.67 -10.49 -31.31
C ALA A 82 30.56 -10.89 -30.33
N VAL A 83 30.86 -10.88 -29.04
CA VAL A 83 29.91 -11.36 -28.03
C VAL A 83 30.11 -10.56 -26.75
N GLU A 84 29.27 -10.81 -25.75
CA GLU A 84 29.35 -10.14 -24.46
C GLU A 84 30.23 -10.95 -23.52
N GLU A 85 31.48 -10.52 -23.35
CA GLU A 85 32.42 -11.19 -22.44
C GLU A 85 32.50 -10.43 -21.12
N GLY A 86 31.40 -10.41 -20.40
CA GLY A 86 31.37 -9.80 -19.09
C GLY A 86 30.00 -9.27 -18.76
N ASP A 87 29.96 -8.43 -17.72
CA ASP A 87 28.69 -7.86 -17.25
C ASP A 87 28.29 -6.65 -18.09
N TRP A 88 29.12 -5.61 -18.09
CA TRP A 88 28.89 -4.43 -18.91
C TRP A 88 29.56 -4.66 -20.27
N THR A 89 28.75 -4.70 -21.33
CA THR A 89 29.26 -4.97 -22.66
C THR A 89 28.55 -4.07 -23.68
N ALA A 90 29.25 -3.78 -24.77
CA ALA A 90 28.70 -3.01 -25.88
C ALA A 90 29.17 -3.64 -27.17
N THR A 91 28.22 -3.95 -28.06
CA THR A 91 28.52 -4.60 -29.33
C THR A 91 27.89 -3.82 -30.47
N VAL A 92 28.55 -3.85 -31.62
CA VAL A 92 28.06 -3.19 -32.83
C VAL A 92 27.14 -4.16 -33.55
N VAL A 93 25.91 -3.73 -33.83
CA VAL A 93 24.94 -4.58 -34.49
C VAL A 93 24.62 -4.11 -35.91
N ASP A 94 24.84 -2.84 -36.24
CA ASP A 94 24.56 -2.34 -37.57
C ASP A 94 25.51 -1.18 -37.85
N GLN A 95 26.05 -1.14 -39.06
CA GLN A 95 26.99 -0.10 -39.47
C GLN A 95 26.59 0.39 -40.85
N GLN A 96 26.06 1.60 -40.93
CA GLN A 96 25.66 2.17 -42.21
C GLN A 96 26.49 3.42 -42.49
N ASP A 97 26.24 4.04 -43.63
CA ASP A 97 26.90 5.29 -43.96
C ASP A 97 26.44 6.38 -43.00
N CYS A 98 27.41 7.07 -42.40
CA CYS A 98 27.20 8.19 -41.49
C CYS A 98 26.54 7.80 -40.17
N THR A 99 26.28 6.51 -39.93
CA THR A 99 25.60 6.13 -38.70
C THR A 99 26.03 4.74 -38.26
N LEU A 100 25.97 4.53 -36.95
CA LEU A 100 26.32 3.27 -36.32
C LEU A 100 25.29 2.96 -35.24
N SER A 101 25.03 1.68 -35.03
CA SER A 101 24.07 1.21 -34.04
C SER A 101 24.78 0.37 -32.99
N LEU A 102 24.28 0.44 -31.76
CA LEU A 102 24.89 -0.25 -30.63
C LEU A 102 23.81 -0.92 -29.81
N GLN A 103 24.18 -2.02 -29.16
CA GLN A 103 23.28 -2.78 -28.30
C GLN A 103 24.00 -3.01 -26.98
N LEU A 104 23.79 -2.11 -26.03
CA LEU A 104 24.47 -2.20 -24.74
C LEU A 104 23.78 -3.20 -23.83
N THR A 105 24.53 -3.76 -22.89
CA THR A 105 24.02 -4.73 -21.94
C THR A 105 24.48 -4.36 -20.54
N THR A 106 23.60 -4.57 -19.57
CA THR A 106 23.89 -4.24 -18.18
C THR A 106 23.79 -5.49 -17.32
N PRO A 107 24.58 -5.59 -16.25
CA PRO A 107 24.47 -6.73 -15.35
C PRO A 107 23.15 -6.73 -14.60
N ALA A 108 22.68 -7.94 -14.27
CA ALA A 108 21.45 -8.09 -13.52
C ALA A 108 21.56 -7.58 -12.09
N ASN A 109 22.77 -7.33 -11.59
CA ASN A 109 22.98 -6.83 -10.24
C ASN A 109 23.62 -5.45 -10.25
N ALA A 110 23.28 -4.63 -11.23
CA ALA A 110 23.83 -3.29 -11.31
C ALA A 110 23.11 -2.36 -10.34
N PRO A 111 23.80 -1.35 -9.81
CA PRO A 111 23.15 -0.37 -8.94
C PRO A 111 22.05 0.38 -9.68
N ILE A 112 21.06 0.81 -8.93
CA ILE A 112 19.89 1.51 -9.46
C ILE A 112 20.08 3.01 -9.28
N GLY A 113 19.83 3.77 -10.33
CA GLY A 113 19.91 5.22 -10.23
C GLY A 113 20.18 5.85 -11.59
N LEU A 114 20.70 7.08 -11.53
CA LEU A 114 20.96 7.88 -12.72
C LEU A 114 22.40 7.64 -13.16
N TYR A 115 22.56 6.88 -14.23
CA TYR A 115 23.87 6.64 -14.84
C TYR A 115 24.14 7.71 -15.90
N ARG A 116 25.43 7.92 -16.20
CA ARG A 116 25.77 8.79 -17.32
C ARG A 116 26.91 8.16 -18.09
N LEU A 117 26.81 8.22 -19.42
CA LEU A 117 27.81 7.60 -20.29
C LEU A 117 28.92 8.58 -20.62
N SER A 118 30.04 8.02 -21.09
CA SER A 118 31.15 8.82 -21.61
C SER A 118 31.84 7.98 -22.67
N LEU A 119 31.85 8.48 -23.90
CA LEU A 119 32.59 7.84 -24.97
C LEU A 119 34.04 8.29 -24.94
N GLU A 120 34.96 7.34 -25.00
CA GLU A 120 36.38 7.61 -25.18
C GLU A 120 36.80 6.95 -26.49
N ALA A 121 36.76 7.74 -27.56
CA ALA A 121 37.17 7.30 -28.89
C ALA A 121 38.69 7.44 -28.97
N SER A 122 39.38 6.31 -28.90
CA SER A 122 40.84 6.27 -28.91
C SER A 122 41.28 5.76 -30.28
N THR A 123 41.59 6.69 -31.17
CA THR A 123 42.12 6.37 -32.49
C THR A 123 43.58 6.80 -32.54
N GLY A 124 44.48 5.84 -32.74
CA GLY A 124 45.89 6.14 -32.65
C GLY A 124 46.25 6.63 -31.27
N TYR A 125 46.91 7.78 -31.21
CA TYR A 125 47.24 8.43 -29.95
C TYR A 125 46.17 9.43 -29.51
N GLN A 126 45.08 9.56 -30.26
CA GLN A 126 44.04 10.55 -29.99
C GLN A 126 42.90 9.87 -29.25
N GLY A 127 42.94 9.94 -27.93
CA GLY A 127 41.89 9.42 -27.07
C GLY A 127 40.88 10.46 -26.65
N SER A 128 40.05 10.91 -27.58
CA SER A 128 39.08 11.96 -27.26
C SER A 128 37.99 11.43 -26.33
N SER A 129 37.54 12.28 -25.40
CA SER A 129 36.54 11.91 -24.42
C SER A 129 35.24 12.66 -24.69
N PHE A 130 34.14 11.93 -24.79
CA PHE A 130 32.83 12.47 -25.13
C PHE A 130 31.89 12.31 -23.94
N VAL A 131 30.68 12.84 -24.11
CA VAL A 131 29.59 12.71 -23.13
C VAL A 131 28.33 12.37 -23.93
N LEU A 132 27.93 11.10 -23.90
CA LEU A 132 26.76 10.69 -24.65
C LEU A 132 25.48 11.19 -24.01
N GLY A 133 25.38 11.12 -22.70
CA GLY A 133 24.19 11.59 -21.99
C GLY A 133 23.90 10.72 -20.79
N HIS A 134 22.83 11.11 -20.09
CA HIS A 134 22.40 10.42 -18.88
C HIS A 134 21.22 9.51 -19.19
N PHE A 135 21.02 8.54 -18.30
CA PHE A 135 19.84 7.68 -18.35
C PHE A 135 19.57 7.13 -16.96
N ILE A 136 18.44 6.45 -16.84
CA ILE A 136 17.99 5.89 -15.57
C ILE A 136 17.98 4.38 -15.69
N LEU A 137 18.47 3.69 -14.66
CA LEU A 137 18.48 2.23 -14.60
C LEU A 137 17.53 1.79 -13.50
N LEU A 138 16.60 0.89 -13.83
CA LEU A 138 15.60 0.42 -12.89
C LEU A 138 15.68 -1.09 -12.75
N PHE A 139 15.07 -1.59 -11.67
CA PHE A 139 14.95 -3.02 -11.48
C PHE A 139 14.11 -3.63 -12.61
N ASN A 140 14.54 -4.79 -13.10
CA ASN A 140 13.88 -5.47 -14.20
C ASN A 140 13.16 -6.70 -13.69
N ALA A 141 11.85 -6.75 -13.87
CA ALA A 141 11.08 -7.94 -13.56
C ALA A 141 11.02 -8.93 -14.72
N TRP A 142 11.59 -8.58 -15.87
CA TRP A 142 11.57 -9.45 -17.04
C TRP A 142 12.89 -10.19 -17.25
N CYS A 143 13.98 -9.73 -16.64
CA CYS A 143 15.27 -10.39 -16.81
C CYS A 143 15.31 -11.64 -15.94
N PRO A 144 15.53 -12.83 -16.51
CA PRO A 144 15.54 -14.04 -15.69
C PRO A 144 16.65 -14.08 -14.65
N ALA A 145 17.72 -13.30 -14.82
CA ALA A 145 18.82 -13.28 -13.88
C ALA A 145 18.68 -12.19 -12.82
N ASP A 146 17.64 -11.37 -12.89
CA ASP A 146 17.46 -10.30 -11.93
C ASP A 146 16.81 -10.81 -10.66
N ALA A 147 17.09 -10.13 -9.54
CA ALA A 147 16.58 -10.56 -8.25
C ALA A 147 15.07 -10.36 -8.15
N VAL A 148 14.51 -9.44 -8.92
CA VAL A 148 13.08 -9.15 -8.87
C VAL A 148 12.34 -9.80 -10.04
N TYR A 149 12.90 -10.86 -10.62
CA TYR A 149 12.29 -11.52 -11.76
C TYR A 149 10.98 -12.19 -11.38
N LEU A 150 9.97 -12.04 -12.24
CA LEU A 150 8.70 -12.72 -12.10
C LEU A 150 8.53 -13.70 -13.25
N ASP A 151 8.20 -14.95 -12.92
CA ASP A 151 8.09 -15.99 -13.94
C ASP A 151 6.93 -15.70 -14.90
N SER A 152 5.82 -15.21 -14.38
CA SER A 152 4.63 -15.00 -15.20
C SER A 152 4.60 -13.59 -15.76
N GLU A 153 3.68 -13.38 -16.70
CA GLU A 153 3.54 -12.10 -17.39
C GLU A 153 2.41 -11.23 -16.84
N GLU A 154 1.28 -11.84 -16.48
CA GLU A 154 0.17 -11.07 -15.93
C GLU A 154 0.57 -10.43 -14.60
N GLU A 155 1.33 -11.16 -13.78
CA GLU A 155 1.81 -10.60 -12.51
C GLU A 155 2.72 -9.41 -12.75
N ARG A 156 3.59 -9.48 -13.77
CA ARG A 156 4.45 -8.36 -14.08
C ARG A 156 3.63 -7.13 -14.44
N GLN A 157 2.63 -7.30 -15.30
CA GLN A 157 1.77 -6.19 -15.69
C GLN A 157 1.04 -5.61 -14.48
N GLU A 158 0.50 -6.47 -13.62
CA GLU A 158 -0.31 -6.01 -12.51
C GLU A 158 0.54 -5.30 -11.46
N TYR A 159 1.74 -5.81 -11.17
CA TYR A 159 2.51 -5.31 -10.04
C TYR A 159 3.57 -4.29 -10.42
N VAL A 160 3.93 -4.16 -11.70
CA VAL A 160 5.02 -3.26 -12.06
C VAL A 160 4.52 -2.17 -13.00
N LEU A 161 3.51 -2.48 -13.82
CA LEU A 161 3.06 -1.58 -14.86
C LEU A 161 1.69 -0.99 -14.62
N THR A 162 0.85 -1.62 -13.81
CA THR A 162 -0.45 -1.06 -13.47
C THR A 162 -0.27 0.01 -12.41
N GLN A 163 -0.72 1.24 -12.72
CA GLN A 163 -0.53 2.37 -11.84
C GLN A 163 -1.83 2.83 -11.18
N GLN A 164 -2.83 1.96 -11.13
CA GLN A 164 -4.11 2.27 -10.47
C GLN A 164 -4.60 1.01 -9.81
N GLY A 165 -4.77 1.04 -8.48
CA GLY A 165 -5.15 -0.15 -7.76
C GLY A 165 -6.20 0.08 -6.69
N PHE A 166 -6.35 -0.88 -5.79
CA PHE A 166 -7.35 -0.84 -4.74
C PHE A 166 -6.67 -0.97 -3.38
N ILE A 167 -7.07 -0.12 -2.45
CA ILE A 167 -6.71 -0.25 -1.03
C ILE A 167 -7.96 -0.72 -0.32
N TYR A 168 -7.83 -1.79 0.46
CA TYR A 168 -9.00 -2.41 1.08
C TYR A 168 -9.16 -1.89 2.50
N GLN A 169 -10.38 -1.45 2.82
CA GLN A 169 -10.67 -0.81 4.09
C GLN A 169 -12.04 -1.31 4.57
N GLY A 170 -12.56 -0.66 5.59
CA GLY A 170 -13.84 -1.05 6.16
C GLY A 170 -13.68 -1.94 7.37
N SER A 171 -14.38 -3.06 7.38
CA SER A 171 -14.29 -4.03 8.47
C SER A 171 -14.08 -5.42 7.89
N ALA A 172 -13.80 -6.38 8.77
CA ALA A 172 -13.60 -7.75 8.33
C ALA A 172 -14.86 -8.32 7.70
N LYS A 173 -16.02 -7.98 8.26
CA LYS A 173 -17.29 -8.49 7.73
C LYS A 173 -17.74 -7.76 6.47
N PHE A 174 -17.16 -6.60 6.17
CA PHE A 174 -17.56 -5.81 5.00
C PHE A 174 -16.31 -5.13 4.45
N ILE A 175 -15.77 -5.68 3.37
CA ILE A 175 -14.56 -5.17 2.74
C ILE A 175 -14.94 -4.13 1.70
N LYS A 176 -14.27 -2.97 1.74
CA LYS A 176 -14.50 -1.90 0.77
C LYS A 176 -13.23 -1.66 -0.01
N ASN A 177 -13.34 -1.66 -1.34
CA ASN A 177 -12.18 -1.54 -2.23
C ASN A 177 -12.05 -0.08 -2.66
N ILE A 178 -11.44 0.74 -1.81
CA ILE A 178 -11.25 2.16 -2.10
C ILE A 178 -10.25 2.30 -3.24
N PRO A 179 -10.60 3.01 -4.31
CA PRO A 179 -9.65 3.17 -5.42
C PRO A 179 -8.47 4.04 -5.03
N TRP A 180 -7.34 3.80 -5.69
CA TRP A 180 -6.14 4.62 -5.50
C TRP A 180 -5.40 4.71 -6.81
N ASN A 181 -4.82 5.88 -7.07
CA ASN A 181 -4.07 6.14 -8.29
C ASN A 181 -2.59 6.23 -7.92
N PHE A 182 -1.88 5.12 -8.08
CA PHE A 182 -0.45 5.12 -7.78
C PHE A 182 0.31 6.09 -8.68
N GLY A 183 0.10 5.98 -9.99
CA GLY A 183 0.72 6.90 -10.92
C GLY A 183 2.23 6.91 -10.86
N GLN A 184 2.86 5.72 -10.79
CA GLN A 184 4.30 5.65 -10.73
C GLN A 184 4.96 6.14 -12.00
N PHE A 185 4.23 6.20 -13.11
CA PHE A 185 4.76 6.66 -14.39
C PHE A 185 4.33 8.09 -14.72
N GLU A 186 3.79 8.82 -13.74
CA GLU A 186 3.38 10.20 -13.97
C GLU A 186 4.61 11.08 -14.20
N ASP A 187 4.35 12.30 -14.67
CA ASP A 187 5.42 13.23 -14.99
C ASP A 187 6.14 13.65 -13.72
N GLY A 188 7.46 13.47 -13.70
CA GLY A 188 8.29 13.89 -12.58
C GLY A 188 8.31 12.95 -11.41
N ILE A 189 7.58 11.83 -11.45
CA ILE A 189 7.53 10.92 -10.33
C ILE A 189 8.87 10.20 -10.15
N LEU A 190 9.49 9.80 -11.26
CA LEU A 190 10.77 9.10 -11.18
C LEU A 190 11.85 9.97 -10.56
N ASP A 191 11.91 11.24 -10.94
CA ASP A 191 12.88 12.15 -10.34
C ASP A 191 12.60 12.33 -8.85
N ILE A 192 11.32 12.38 -8.47
CA ILE A 192 10.97 12.49 -7.06
C ILE A 192 11.44 11.26 -6.30
N CYS A 193 11.26 10.07 -6.87
CA CYS A 193 11.73 8.85 -6.23
C CYS A 193 13.25 8.84 -6.10
N LEU A 194 13.96 9.32 -7.13
CA LEU A 194 15.41 9.40 -7.05
C LEU A 194 15.86 10.35 -5.95
N ILE A 195 15.19 11.51 -5.85
CA ILE A 195 15.51 12.44 -4.76
C ILE A 195 15.24 11.80 -3.41
N LEU A 196 14.15 11.02 -3.33
CA LEU A 196 13.84 10.30 -2.10
C LEU A 196 14.95 9.34 -1.73
N LEU A 197 15.46 8.59 -2.71
CA LEU A 197 16.58 7.69 -2.48
C LEU A 197 17.88 8.44 -2.22
N ASP A 198 17.95 9.72 -2.54
CA ASP A 198 19.18 10.49 -2.39
C ASP A 198 19.17 11.39 -1.15
N VAL A 199 18.21 11.21 -0.24
CA VAL A 199 18.14 12.03 0.96
C VAL A 199 18.00 11.20 2.24
N ASN A 200 18.02 9.87 2.14
CA ASN A 200 17.92 9.05 3.33
C ASN A 200 19.17 9.22 4.20
N PRO A 201 19.06 8.98 5.51
CA PRO A 201 20.22 9.15 6.39
C PRO A 201 21.42 8.30 6.00
N LYS A 202 21.19 7.11 5.44
CA LYS A 202 22.30 6.28 5.00
C LYS A 202 23.09 6.96 3.88
N PHE A 203 22.39 7.59 2.94
CA PHE A 203 23.08 8.32 1.87
C PHE A 203 23.86 9.49 2.43
N LEU A 204 23.27 10.22 3.39
CA LEU A 204 23.97 11.35 3.99
C LEU A 204 25.19 10.90 4.78
N LYS A 205 25.15 9.68 5.33
CA LYS A 205 26.29 9.17 6.07
C LYS A 205 27.41 8.73 5.13
N ASN A 206 27.12 7.80 4.22
CA ASN A 206 28.08 7.32 3.25
C ASN A 206 27.37 7.25 1.89
N ALA A 207 27.60 8.24 1.04
CA ALA A 207 26.93 8.29 -0.26
C ALA A 207 27.41 7.15 -1.16
N GLY A 208 28.72 6.91 -1.20
CA GLY A 208 29.24 5.87 -2.06
C GLY A 208 28.75 4.49 -1.67
N ARG A 209 28.74 4.18 -0.36
CA ARG A 209 28.25 2.89 0.08
C ARG A 209 26.76 2.74 -0.21
N ASP A 210 25.99 3.82 -0.04
CA ASP A 210 24.56 3.76 -0.36
C ASP A 210 24.35 3.48 -1.84
N CYS A 211 25.10 4.17 -2.71
CA CYS A 211 24.97 3.94 -4.15
C CYS A 211 25.36 2.51 -4.51
N SER A 212 26.42 1.99 -3.89
CA SER A 212 26.84 0.62 -4.15
C SER A 212 25.79 -0.38 -3.70
N ARG A 213 25.19 -0.15 -2.54
CA ARG A 213 24.22 -1.08 -1.97
C ARG A 213 22.82 -0.92 -2.56
N ARG A 214 22.59 0.11 -3.38
CA ARG A 214 21.32 0.22 -4.09
C ARG A 214 21.07 -0.93 -5.05
N SER A 215 22.11 -1.71 -5.40
CA SER A 215 21.90 -2.84 -6.31
C SER A 215 21.00 -3.90 -5.69
N SER A 216 21.04 -4.07 -4.37
CA SER A 216 20.24 -5.07 -3.70
C SER A 216 18.81 -4.56 -3.54
N PRO A 217 17.80 -5.27 -4.06
CA PRO A 217 16.43 -4.77 -3.94
C PRO A 217 15.94 -4.66 -2.50
N VAL A 218 16.44 -5.50 -1.59
CA VAL A 218 15.99 -5.43 -0.21
C VAL A 218 16.44 -4.13 0.44
N TYR A 219 17.66 -3.69 0.16
CA TYR A 219 18.14 -2.42 0.70
C TYR A 219 17.33 -1.25 0.15
N VAL A 220 17.00 -1.28 -1.15
CA VAL A 220 16.18 -0.23 -1.73
C VAL A 220 14.79 -0.23 -1.10
N GLY A 221 14.24 -1.41 -0.86
CA GLY A 221 12.95 -1.48 -0.18
C GLY A 221 13.00 -0.89 1.22
N ARG A 222 14.06 -1.21 1.98
CA ARG A 222 14.20 -0.63 3.31
C ARG A 222 14.32 0.88 3.24
N VAL A 223 15.12 1.39 2.31
CA VAL A 223 15.31 2.83 2.19
C VAL A 223 13.99 3.52 1.84
N VAL A 224 13.24 2.92 0.91
CA VAL A 224 11.98 3.52 0.47
C VAL A 224 10.95 3.50 1.59
N SER A 225 10.80 2.36 2.27
CA SER A 225 9.80 2.26 3.33
C SER A 225 10.16 3.16 4.51
N GLY A 226 11.45 3.29 4.82
CA GLY A 226 11.86 4.11 5.94
C GLY A 226 11.70 5.60 5.71
N MET A 227 11.69 6.05 4.46
CA MET A 227 11.57 7.46 4.15
C MET A 227 10.14 7.92 3.92
N VAL A 228 9.16 7.02 4.02
CA VAL A 228 7.78 7.42 3.81
C VAL A 228 7.27 8.19 5.04
N ASN A 229 7.30 7.54 6.20
CA ASN A 229 6.84 8.20 7.42
C ASN A 229 7.87 8.09 8.54
N CYS A 230 8.63 7.00 8.56
CA CYS A 230 9.54 6.73 9.67
C CYS A 230 10.54 7.86 9.86
N ASN A 231 11.08 8.40 8.77
CA ASN A 231 11.99 9.52 8.86
C ASN A 231 11.23 10.76 9.32
N ASP A 232 11.68 11.37 10.40
CA ASP A 232 11.00 12.52 10.98
C ASP A 232 11.52 13.85 10.47
N ASP A 233 12.75 13.89 9.97
CA ASP A 233 13.38 15.15 9.59
C ASP A 233 12.90 15.67 8.23
N GLN A 234 13.05 14.88 7.17
CA GLN A 234 12.40 15.18 5.90
C GLN A 234 11.75 13.92 5.31
N GLY A 235 10.94 13.25 6.13
CA GLY A 235 10.13 12.16 5.63
C GLY A 235 9.04 12.66 4.70
N VAL A 236 8.43 11.73 3.97
CA VAL A 236 7.43 12.11 2.98
C VAL A 236 6.18 12.65 3.66
N LEU A 237 5.67 11.93 4.66
CA LEU A 237 4.40 12.26 5.28
C LEU A 237 4.59 12.48 6.78
N LEU A 238 3.54 13.01 7.41
CA LEU A 238 3.50 13.26 8.85
C LEU A 238 2.22 12.64 9.39
N GLY A 239 2.36 11.54 10.13
CA GLY A 239 1.19 10.83 10.61
C GLY A 239 0.40 11.63 11.62
N ARG A 240 -0.91 11.45 11.58
CA ARG A 240 -1.82 12.04 12.54
C ARG A 240 -3.06 11.16 12.63
N TRP A 241 -3.59 11.00 13.84
CA TRP A 241 -4.68 10.07 14.08
C TRP A 241 -5.91 10.70 14.71
N ASP A 242 -5.75 11.74 15.51
CA ASP A 242 -6.91 12.46 16.03
C ASP A 242 -7.56 13.27 14.92
N ASN A 243 -8.88 13.35 14.95
CA ASN A 243 -9.62 14.03 13.88
C ASN A 243 -9.48 15.54 13.97
N ASN A 244 -8.27 16.04 13.71
CA ASN A 244 -7.98 17.47 13.75
C ASN A 244 -7.08 17.84 12.56
N TYR A 245 -7.45 17.35 11.37
CA TYR A 245 -6.65 17.54 10.17
C TYR A 245 -6.89 18.90 9.50
N GLY A 246 -7.42 19.89 10.23
CA GLY A 246 -7.70 21.18 9.64
C GLY A 246 -6.47 21.93 9.18
N ASP A 247 -5.30 21.60 9.72
CA ASP A 247 -4.06 22.28 9.32
C ASP A 247 -3.60 21.89 7.93
N GLY A 248 -4.06 20.77 7.40
CA GLY A 248 -3.64 20.31 6.08
C GLY A 248 -4.74 19.52 5.41
N VAL A 249 -4.37 18.43 4.76
CA VAL A 249 -5.31 17.58 4.05
C VAL A 249 -5.58 16.34 4.88
N SER A 250 -6.85 15.98 5.03
CA SER A 250 -7.22 14.81 5.79
C SER A 250 -6.70 13.55 5.10
N PRO A 251 -6.32 12.53 5.86
CA PRO A 251 -5.82 11.29 5.23
C PRO A 251 -6.79 10.66 4.25
N MET A 252 -8.09 10.65 4.58
CA MET A 252 -9.07 10.04 3.68
C MET A 252 -9.21 10.80 2.37
N SER A 253 -8.87 12.10 2.38
CA SER A 253 -9.03 12.91 1.18
C SER A 253 -8.07 12.52 0.06
N TRP A 254 -6.97 11.87 0.39
CA TRP A 254 -6.00 11.48 -0.63
C TRP A 254 -6.58 10.43 -1.56
N ILE A 255 -6.40 10.63 -2.87
CA ILE A 255 -6.79 9.64 -3.87
C ILE A 255 -5.62 9.18 -4.71
N GLY A 256 -4.45 9.78 -4.59
CA GLY A 256 -3.30 9.38 -5.38
C GLY A 256 -1.98 9.80 -4.76
N SER A 257 -1.03 8.87 -4.75
CA SER A 257 0.30 9.17 -4.23
C SER A 257 1.05 10.20 -5.04
N VAL A 258 0.63 10.43 -6.29
CA VAL A 258 1.30 11.44 -7.12
C VAL A 258 1.18 12.82 -6.49
N ASP A 259 -0.02 13.16 -5.99
CA ASP A 259 -0.22 14.45 -5.35
C ASP A 259 0.65 14.58 -4.10
N ILE A 260 0.73 13.51 -3.30
CA ILE A 260 1.52 13.55 -2.08
C ILE A 260 2.99 13.77 -2.42
N LEU A 261 3.49 13.02 -3.39
CA LEU A 261 4.91 13.14 -3.76
C LEU A 261 5.21 14.52 -4.34
N ARG A 262 4.31 15.04 -5.17
CA ARG A 262 4.52 16.37 -5.75
C ARG A 262 4.49 17.45 -4.66
N ARG A 263 3.57 17.33 -3.71
CA ARG A 263 3.52 18.28 -2.60
C ARG A 263 4.80 18.21 -1.76
N TRP A 264 5.30 16.99 -1.53
CA TRP A 264 6.55 16.85 -0.77
C TRP A 264 7.70 17.49 -1.51
N LYS A 265 7.79 17.29 -2.83
CA LYS A 265 8.92 17.81 -3.58
C LYS A 265 8.85 19.33 -3.73
N ASN A 266 7.64 19.86 -3.96
CA ASN A 266 7.50 21.29 -4.22
C ASN A 266 7.86 22.12 -2.99
N HIS A 267 7.40 21.70 -1.81
CA HIS A 267 7.69 22.42 -0.57
C HIS A 267 9.04 21.96 0.00
N GLY A 268 10.08 22.12 -0.81
CA GLY A 268 11.39 21.62 -0.45
C GLY A 268 11.37 20.13 -0.26
N CYS A 269 11.49 19.68 0.99
CA CYS A 269 11.31 18.28 1.33
C CYS A 269 10.51 18.09 2.61
N GLN A 270 9.70 19.08 2.98
CA GLN A 270 8.94 19.03 4.22
C GLN A 270 7.89 17.93 4.18
N ARG A 271 7.52 17.43 5.35
CA ARG A 271 6.55 16.35 5.44
C ARG A 271 5.19 16.81 4.93
N VAL A 272 4.56 15.96 4.11
CA VAL A 272 3.19 16.22 3.69
C VAL A 272 2.27 16.09 4.89
N LYS A 273 1.20 16.88 4.90
CA LYS A 273 0.37 17.02 6.08
C LYS A 273 -0.59 15.85 6.22
N TYR A 274 -0.47 15.14 7.34
CA TYR A 274 -1.51 14.24 7.87
C TYR A 274 -1.84 13.11 6.88
N GLY A 275 -0.85 12.25 6.69
CA GLY A 275 -1.08 10.94 6.11
C GLY A 275 -1.38 9.91 7.18
N GLN A 276 -1.67 8.69 6.74
CA GLN A 276 -1.98 7.59 7.66
C GLN A 276 -1.35 6.31 7.13
N CYS A 277 -1.69 5.19 7.78
CA CYS A 277 -0.97 3.94 7.53
C CYS A 277 -1.16 3.47 6.10
N TRP A 278 -2.40 3.40 5.64
CA TRP A 278 -2.65 2.97 4.26
C TRP A 278 -2.14 4.00 3.26
N VAL A 279 -2.10 5.28 3.65
CA VAL A 279 -1.44 6.28 2.82
C VAL A 279 0.04 5.97 2.69
N PHE A 280 0.68 5.59 3.81
CA PHE A 280 2.09 5.21 3.77
C PHE A 280 2.29 4.01 2.86
N ALA A 281 1.42 3.02 2.96
CA ALA A 281 1.53 1.85 2.10
C ALA A 281 1.36 2.22 0.64
N ALA A 282 0.40 3.09 0.33
CA ALA A 282 0.19 3.49 -1.06
C ALA A 282 1.40 4.23 -1.61
N VAL A 283 1.97 5.15 -0.83
CA VAL A 283 3.15 5.89 -1.29
C VAL A 283 4.33 4.95 -1.48
N ALA A 284 4.55 4.04 -0.53
CA ALA A 284 5.65 3.10 -0.65
C ALA A 284 5.48 2.20 -1.88
N CYS A 285 4.25 1.73 -2.12
CA CYS A 285 4.00 0.92 -3.29
C CYS A 285 4.25 1.69 -4.57
N THR A 286 3.83 2.97 -4.60
CA THR A 286 4.09 3.80 -5.77
C THR A 286 5.59 3.93 -6.04
N VAL A 287 6.36 4.22 -4.99
CA VAL A 287 7.80 4.40 -5.17
C VAL A 287 8.45 3.09 -5.62
N LEU A 288 8.07 1.98 -5.01
CA LEU A 288 8.67 0.70 -5.38
C LEU A 288 8.30 0.30 -6.79
N ARG A 289 7.05 0.52 -7.20
CA ARG A 289 6.65 0.23 -8.57
C ARG A 289 7.38 1.11 -9.57
N CYS A 290 7.59 2.38 -9.22
CA CYS A 290 8.35 3.27 -10.09
C CYS A 290 9.79 2.78 -10.23
N LEU A 291 10.38 2.30 -9.12
CA LEU A 291 11.75 1.80 -9.16
C LEU A 291 11.85 0.42 -9.82
N GLY A 292 10.73 -0.24 -10.10
CA GLY A 292 10.73 -1.51 -10.79
C GLY A 292 10.46 -2.72 -9.91
N ILE A 293 10.44 -2.55 -8.60
CA ILE A 293 10.17 -3.68 -7.70
C ILE A 293 8.69 -4.01 -7.73
N PRO A 294 8.32 -5.25 -8.07
CA PRO A 294 6.90 -5.61 -8.09
C PRO A 294 6.28 -5.58 -6.69
N THR A 295 5.37 -4.64 -6.45
CA THR A 295 4.85 -4.41 -5.11
C THR A 295 3.33 -4.29 -5.15
N ARG A 296 2.68 -4.86 -4.14
CA ARG A 296 1.23 -4.80 -3.99
C ARG A 296 0.87 -4.41 -2.56
N VAL A 297 -0.19 -3.63 -2.41
CA VAL A 297 -0.65 -3.22 -1.08
C VAL A 297 -1.53 -4.31 -0.50
N VAL A 298 -1.22 -4.73 0.72
CA VAL A 298 -1.91 -5.82 1.39
C VAL A 298 -2.49 -5.30 2.69
N THR A 299 -3.78 -5.52 2.91
CA THR A 299 -4.49 -5.08 4.10
C THR A 299 -4.81 -6.27 4.99
N ASN A 300 -4.48 -6.16 6.26
CA ASN A 300 -4.81 -7.16 7.27
C ASN A 300 -5.85 -6.59 8.21
N TYR A 301 -6.97 -7.28 8.36
CA TYR A 301 -8.03 -6.82 9.23
C TYR A 301 -7.85 -7.40 10.63
N ASN A 302 -8.31 -6.65 11.63
CA ASN A 302 -8.12 -6.98 13.04
C ASN A 302 -6.63 -7.17 13.36
N SER A 303 -5.80 -6.28 12.83
CA SER A 303 -4.36 -6.37 13.04
C SER A 303 -3.99 -5.90 14.45
N ALA A 304 -3.04 -6.59 15.06
CA ALA A 304 -2.51 -6.23 16.38
C ALA A 304 -1.27 -5.34 16.26
N HIS A 305 -1.40 -4.23 15.54
CA HIS A 305 -0.27 -3.37 15.29
C HIS A 305 0.11 -2.58 16.55
N ASP A 306 1.38 -2.18 16.61
CA ASP A 306 1.90 -1.31 17.67
C ASP A 306 1.72 -1.93 19.05
N GLN A 307 1.98 -3.23 19.15
CA GLN A 307 1.89 -3.95 20.41
C GLN A 307 3.25 -4.41 20.92
N ASN A 308 4.34 -3.83 20.39
CA ASN A 308 5.70 -4.20 20.77
C ASN A 308 5.96 -5.69 20.55
N SER A 309 5.40 -6.22 19.46
CA SER A 309 5.55 -7.62 19.07
C SER A 309 5.06 -8.59 20.13
N ASN A 310 4.15 -8.14 21.01
CA ASN A 310 3.64 -9.03 22.04
C ASN A 310 2.63 -10.01 21.45
N LEU A 311 2.80 -11.29 21.77
CA LEU A 311 1.92 -12.33 21.28
C LEU A 311 0.76 -12.62 22.23
N LEU A 312 0.69 -11.93 23.37
CA LEU A 312 -0.39 -12.11 24.33
C LEU A 312 -0.87 -10.73 24.75
N ILE A 313 -2.07 -10.36 24.31
CA ILE A 313 -2.65 -9.05 24.59
C ILE A 313 -3.75 -9.24 25.62
N GLU A 314 -3.62 -8.56 26.76
CA GLU A 314 -4.58 -8.64 27.84
C GLU A 314 -5.32 -7.31 27.97
N TYR A 315 -6.64 -7.36 27.90
CA TYR A 315 -7.48 -6.17 28.02
C TYR A 315 -8.33 -6.30 29.28
N PHE A 316 -8.23 -5.32 30.17
CA PHE A 316 -9.01 -5.28 31.40
C PHE A 316 -10.18 -4.33 31.19
N ARG A 317 -11.39 -4.86 31.34
CA ARG A 317 -12.61 -4.11 31.13
C ARG A 317 -13.39 -4.00 32.44
N ASN A 318 -14.40 -3.13 32.44
CA ASN A 318 -15.25 -2.95 33.60
C ASN A 318 -16.49 -3.82 33.47
N GLU A 319 -17.38 -3.72 34.47
CA GLU A 319 -18.61 -4.50 34.45
C GLU A 319 -19.51 -4.11 33.28
N PHE A 320 -19.31 -2.94 32.69
CA PHE A 320 -20.07 -2.50 31.53
C PHE A 320 -19.40 -2.84 30.21
N GLY A 321 -18.24 -3.50 30.24
CA GLY A 321 -17.55 -3.87 29.03
C GLY A 321 -16.62 -2.82 28.47
N GLU A 322 -16.58 -1.62 29.05
CA GLU A 322 -15.68 -0.57 28.57
C GLU A 322 -14.26 -0.86 29.05
N ILE A 323 -13.31 -0.77 28.12
CA ILE A 323 -11.93 -1.13 28.39
C ILE A 323 -11.28 -0.03 29.21
N GLN A 324 -10.93 -0.34 30.46
CA GLN A 324 -10.16 0.58 31.29
C GLN A 324 -8.69 0.52 30.89
N GLY A 325 -7.87 1.33 31.55
CA GLY A 325 -6.44 1.32 31.26
C GLY A 325 -6.12 1.90 29.90
N ASP A 326 -6.28 3.21 29.74
CA ASP A 326 -6.09 3.86 28.45
C ASP A 326 -4.67 3.70 27.91
N LYS A 327 -3.71 3.36 28.78
CA LYS A 327 -2.34 3.14 28.31
C LYS A 327 -2.24 1.96 27.35
N SER A 328 -3.19 1.04 27.38
CA SER A 328 -3.18 -0.10 26.48
C SER A 328 -3.44 0.35 25.04
N GLU A 329 -2.84 -0.37 24.09
CA GLU A 329 -3.03 -0.10 22.68
C GLU A 329 -4.14 -0.97 22.13
N MET A 330 -5.10 -0.35 21.45
CA MET A 330 -6.25 -1.08 20.95
C MET A 330 -5.89 -1.90 19.72
N ILE A 331 -6.77 -2.84 19.39
CA ILE A 331 -6.59 -3.69 18.21
C ILE A 331 -7.07 -2.91 16.98
N TRP A 332 -6.17 -2.69 16.04
CA TRP A 332 -6.50 -1.94 14.84
C TRP A 332 -7.51 -2.70 14.00
N ASN A 333 -8.51 -1.99 13.49
CA ASN A 333 -9.51 -2.62 12.63
C ASN A 333 -8.87 -3.16 11.35
N PHE A 334 -7.96 -2.39 10.76
CA PHE A 334 -7.19 -2.87 9.62
C PHE A 334 -5.88 -2.09 9.54
N HIS A 335 -4.85 -2.77 9.02
CA HIS A 335 -3.54 -2.19 8.82
C HIS A 335 -3.04 -2.58 7.44
N CYS A 336 -2.52 -1.62 6.69
CA CYS A 336 -2.08 -1.84 5.33
C CYS A 336 -0.57 -1.72 5.23
N TRP A 337 0.07 -2.72 4.63
CA TRP A 337 1.50 -2.70 4.40
C TRP A 337 1.78 -3.26 3.01
N VAL A 338 2.95 -2.94 2.47
CA VAL A 338 3.24 -3.35 1.10
C VAL A 338 3.93 -4.71 1.10
N GLU A 339 3.90 -5.36 -0.07
CA GLU A 339 4.48 -6.68 -0.25
C GLU A 339 5.17 -6.68 -1.60
N SER A 340 6.49 -6.78 -1.59
CA SER A 340 7.30 -6.75 -2.81
C SER A 340 7.78 -8.14 -3.17
N TRP A 341 8.21 -8.31 -4.41
CA TRP A 341 8.71 -9.58 -4.91
C TRP A 341 10.22 -9.49 -5.05
N MET A 342 10.95 -10.24 -4.24
CA MET A 342 12.40 -10.21 -4.26
C MET A 342 12.94 -11.60 -3.97
N THR A 343 14.16 -11.84 -4.42
CA THR A 343 14.93 -13.04 -4.09
C THR A 343 16.01 -12.65 -3.09
N ARG A 344 16.12 -13.40 -2.00
CA ARG A 344 16.99 -13.03 -0.90
C ARG A 344 18.21 -13.94 -0.84
N PRO A 345 19.39 -13.49 -1.28
CA PRO A 345 20.60 -14.29 -1.07
C PRO A 345 21.11 -14.25 0.36
N ASP A 346 20.76 -13.22 1.13
CA ASP A 346 21.29 -13.08 2.48
C ASP A 346 20.68 -14.07 3.46
N LEU A 347 19.54 -14.67 3.12
CA LEU A 347 18.88 -15.63 3.99
C LEU A 347 19.21 -17.05 3.55
N GLN A 348 18.62 -18.01 4.24
CA GLN A 348 18.76 -19.40 3.85
C GLN A 348 18.03 -19.65 2.54
N PRO A 349 18.47 -20.63 1.76
CA PRO A 349 17.79 -20.92 0.48
C PRO A 349 16.34 -21.31 0.72
N GLY A 350 15.47 -20.88 -0.20
CA GLY A 350 14.04 -21.14 -0.11
C GLY A 350 13.22 -19.97 0.39
N TYR A 351 13.85 -18.97 0.99
CA TYR A 351 13.13 -17.78 1.48
C TYR A 351 13.15 -16.67 0.43
N GLU A 352 12.56 -16.99 -0.73
CA GLU A 352 12.44 -16.04 -1.82
C GLU A 352 10.98 -15.92 -2.22
N GLY A 353 10.63 -14.74 -2.74
CA GLY A 353 9.26 -14.49 -3.12
C GLY A 353 8.72 -13.20 -2.55
N TRP A 354 7.59 -13.27 -1.85
CA TRP A 354 6.95 -12.08 -1.31
C TRP A 354 7.60 -11.68 0.02
N GLN A 355 7.89 -10.39 0.15
CA GLN A 355 8.53 -9.82 1.32
C GLN A 355 7.67 -8.66 1.81
N ALA A 356 7.36 -8.65 3.09
CA ALA A 356 6.44 -7.67 3.65
C ALA A 356 7.20 -6.47 4.19
N LEU A 357 6.88 -5.29 3.66
CA LEU A 357 7.41 -4.02 4.17
C LEU A 357 6.29 -3.29 4.89
N ASP A 358 6.61 -2.76 6.07
CA ASP A 358 5.65 -1.99 6.86
C ASP A 358 6.19 -0.58 7.06
N PRO A 359 5.75 0.39 6.24
CA PRO A 359 6.27 1.76 6.39
C PRO A 359 5.76 2.48 7.62
N THR A 360 4.76 1.94 8.31
CA THR A 360 4.27 2.56 9.54
C THR A 360 5.19 2.22 10.70
N PRO A 361 5.76 3.21 11.39
CA PRO A 361 6.70 2.90 12.48
C PRO A 361 5.96 2.32 13.68
N GLN A 362 6.38 1.13 14.10
CA GLN A 362 5.84 0.49 15.29
C GLN A 362 6.58 1.00 16.52
N GLU A 363 6.36 0.35 17.66
CA GLU A 363 7.03 0.72 18.91
C GLU A 363 8.21 -0.21 19.11
N LYS A 364 9.31 0.10 18.43
CA LYS A 364 10.54 -0.66 18.61
C LYS A 364 11.13 -0.40 19.98
N SER A 365 11.93 -1.37 20.46
CA SER A 365 12.60 -1.20 21.74
C SER A 365 13.70 -0.16 21.69
N GLU A 366 14.21 0.18 20.50
CA GLU A 366 15.31 1.13 20.36
C GLU A 366 14.84 2.52 19.95
N GLY A 367 14.19 2.63 18.79
CA GLY A 367 13.86 3.94 18.27
C GLY A 367 12.56 4.07 17.51
N THR A 368 11.67 3.08 17.64
CA THR A 368 10.39 3.05 16.93
C THR A 368 10.59 3.16 15.42
N TYR A 369 11.27 2.16 14.87
CA TYR A 369 11.63 2.13 13.47
C TYR A 369 10.54 1.41 12.66
N CYS A 370 10.83 1.11 11.40
CA CYS A 370 9.93 0.33 10.56
C CYS A 370 10.18 -1.16 10.78
N CYS A 371 9.56 -1.99 9.93
CA CYS A 371 9.70 -3.43 10.06
C CYS A 371 10.80 -3.99 9.17
N GLY A 372 10.71 -3.73 7.86
CA GLY A 372 11.68 -4.25 6.93
C GLY A 372 11.22 -5.53 6.27
N PRO A 373 11.93 -5.95 5.21
CA PRO A 373 11.47 -7.10 4.44
C PRO A 373 11.66 -8.43 5.15
N VAL A 374 10.56 -9.00 5.63
CA VAL A 374 10.52 -10.35 6.16
C VAL A 374 9.79 -11.24 5.15
N PRO A 375 10.31 -12.42 4.83
CA PRO A 375 9.60 -13.30 3.91
C PRO A 375 8.22 -13.66 4.44
N VAL A 376 7.24 -13.68 3.54
CA VAL A 376 5.90 -14.09 3.93
C VAL A 376 5.91 -15.57 4.31
N ARG A 377 6.72 -16.38 3.63
CA ARG A 377 6.89 -17.77 4.02
C ARG A 377 7.50 -17.89 5.41
N ALA A 378 8.41 -16.98 5.76
CA ALA A 378 9.01 -17.00 7.10
C ALA A 378 7.95 -16.79 8.17
N ILE A 379 7.01 -15.86 7.92
CA ILE A 379 5.91 -15.66 8.86
C ILE A 379 4.99 -16.88 8.87
N LYS A 380 4.77 -17.47 7.69
CA LYS A 380 3.89 -18.64 7.61
C LYS A 380 4.44 -19.82 8.41
N GLU A 381 5.74 -20.07 8.31
CA GLU A 381 6.38 -21.14 9.06
C GLU A 381 6.86 -20.70 10.43
N GLY A 382 6.66 -19.44 10.79
CA GLY A 382 7.06 -18.95 12.10
C GLY A 382 8.56 -18.93 12.32
N ASP A 383 9.34 -18.59 11.29
CA ASP A 383 10.79 -18.49 11.40
C ASP A 383 11.13 -17.08 11.86
N LEU A 384 10.95 -16.84 13.16
CA LEU A 384 11.17 -15.52 13.73
C LEU A 384 12.63 -15.11 13.75
N SER A 385 13.55 -16.03 13.49
CA SER A 385 14.98 -15.75 13.56
C SER A 385 15.54 -15.19 12.27
N THR A 386 14.69 -14.77 11.33
CA THR A 386 15.17 -14.20 10.08
C THR A 386 15.85 -12.86 10.33
N LYS A 387 16.42 -12.30 9.26
CA LYS A 387 17.28 -11.13 9.40
C LYS A 387 16.52 -9.93 9.94
N TYR A 388 15.34 -9.65 9.39
CA TYR A 388 14.61 -8.44 9.72
C TYR A 388 13.47 -8.74 10.68
N ASP A 389 12.60 -7.75 10.90
CA ASP A 389 11.67 -7.80 12.01
C ASP A 389 10.55 -8.80 11.78
N ALA A 390 10.90 -10.08 11.80
CA ALA A 390 9.89 -11.14 11.74
C ALA A 390 8.92 -11.13 12.92
N PRO A 391 9.35 -10.97 14.18
CA PRO A 391 8.39 -11.09 15.30
C PRO A 391 7.24 -10.10 15.23
N PHE A 392 7.48 -8.87 14.77
CA PHE A 392 6.40 -7.88 14.75
C PHE A 392 5.34 -8.24 13.72
N VAL A 393 5.75 -8.60 12.51
CA VAL A 393 4.78 -8.99 11.49
C VAL A 393 4.08 -10.28 11.91
N PHE A 394 4.81 -11.20 12.55
CA PHE A 394 4.20 -12.43 13.03
C PHE A 394 3.14 -12.15 14.09
N ALA A 395 3.43 -11.22 15.01
CA ALA A 395 2.45 -10.86 16.03
C ALA A 395 1.24 -10.17 15.40
N GLU A 396 1.46 -9.35 14.39
CA GLU A 396 0.35 -8.65 13.76
C GLU A 396 -0.68 -9.61 13.17
N VAL A 397 -0.28 -10.84 12.86
CA VAL A 397 -1.19 -11.80 12.25
C VAL A 397 -1.52 -12.97 13.15
N ASN A 398 -0.79 -13.17 14.26
CA ASN A 398 -0.96 -14.35 15.09
C ASN A 398 -1.02 -14.01 16.57
N ALA A 399 -1.40 -12.77 16.90
CA ALA A 399 -1.50 -12.40 18.31
C ALA A 399 -2.71 -13.08 18.95
N ASP A 400 -2.68 -13.14 20.28
CA ASP A 400 -3.78 -13.67 21.07
C ASP A 400 -4.31 -12.55 21.97
N VAL A 401 -5.63 -12.41 22.01
CA VAL A 401 -6.28 -11.35 22.78
C VAL A 401 -7.10 -12.00 23.88
N VAL A 402 -6.84 -11.60 25.12
CA VAL A 402 -7.57 -12.09 26.28
C VAL A 402 -8.27 -10.89 26.91
N ASP A 403 -9.60 -11.00 27.07
CA ASP A 403 -10.42 -9.92 27.58
C ASP A 403 -10.80 -10.23 29.03
N TRP A 404 -10.10 -9.61 29.97
CA TRP A 404 -10.38 -9.76 31.39
C TRP A 404 -11.41 -8.73 31.82
N ILE A 405 -12.41 -9.17 32.58
CA ILE A 405 -13.41 -8.29 33.15
C ILE A 405 -13.09 -8.12 34.64
N GLN A 406 -12.82 -6.89 35.05
CA GLN A 406 -12.54 -6.58 36.46
C GLN A 406 -13.74 -5.83 37.03
N GLN A 407 -14.51 -6.53 37.86
CA GLN A 407 -15.72 -5.97 38.44
C GLN A 407 -15.38 -5.08 39.65
N ASP A 408 -16.43 -4.49 40.22
CA ASP A 408 -16.24 -3.57 41.34
C ASP A 408 -15.77 -4.26 42.61
N ASP A 409 -15.94 -5.57 42.71
CA ASP A 409 -15.51 -6.31 43.89
C ASP A 409 -14.00 -6.46 43.99
N GLY A 410 -13.26 -6.08 42.95
CA GLY A 410 -11.83 -6.26 42.92
C GLY A 410 -11.37 -7.57 42.34
N SER A 411 -12.29 -8.50 42.08
CA SER A 411 -11.96 -9.76 41.44
C SER A 411 -11.99 -9.60 39.92
N VAL A 412 -11.40 -10.57 39.23
CA VAL A 412 -11.33 -10.56 37.77
C VAL A 412 -11.86 -11.88 37.24
N HIS A 413 -12.36 -11.83 36.01
CA HIS A 413 -12.90 -13.00 35.34
C HIS A 413 -12.45 -12.99 33.88
N LYS A 414 -12.45 -14.18 33.27
CA LYS A 414 -12.09 -14.33 31.87
C LYS A 414 -13.36 -14.39 31.04
N SER A 415 -13.52 -13.44 30.13
CA SER A 415 -14.68 -13.39 29.26
C SER A 415 -14.42 -14.20 27.99
N ILE A 416 -15.45 -14.92 27.54
CA ILE A 416 -15.33 -15.81 26.40
C ILE A 416 -15.62 -14.98 25.15
N ASN A 417 -14.58 -14.34 24.62
CA ASN A 417 -14.70 -13.52 23.42
C ASN A 417 -14.40 -14.40 22.22
N ARG A 418 -15.46 -14.92 21.59
CA ARG A 418 -15.34 -15.79 20.44
C ARG A 418 -15.45 -15.06 19.11
N SER A 419 -15.52 -13.74 19.13
CA SER A 419 -15.72 -12.96 17.92
C SER A 419 -14.46 -12.32 17.38
N LEU A 420 -13.47 -12.03 18.23
CA LEU A 420 -12.27 -11.31 17.81
C LEU A 420 -11.20 -12.34 17.42
N ILE A 421 -10.84 -12.34 16.15
CA ILE A 421 -9.73 -13.15 15.65
C ILE A 421 -8.72 -12.21 15.00
N VAL A 422 -7.47 -12.30 15.45
CA VAL A 422 -6.42 -11.42 14.95
C VAL A 422 -5.97 -11.91 13.59
N GLY A 423 -5.93 -11.01 12.61
CA GLY A 423 -5.52 -11.37 11.26
C GLY A 423 -6.44 -12.36 10.59
N LEU A 424 -7.75 -12.18 10.73
CA LEU A 424 -8.70 -13.15 10.19
C LEU A 424 -8.87 -13.02 8.68
N LYS A 425 -8.75 -11.80 8.13
CA LYS A 425 -9.00 -11.56 6.71
C LYS A 425 -7.88 -10.69 6.16
N ILE A 426 -7.06 -11.26 5.29
CA ILE A 426 -5.98 -10.54 4.62
C ILE A 426 -6.30 -10.52 3.13
N SER A 427 -6.33 -9.33 2.55
CA SER A 427 -6.82 -9.15 1.20
C SER A 427 -5.91 -8.25 0.38
N THR A 428 -5.96 -8.43 -0.93
CA THR A 428 -5.22 -7.59 -1.86
C THR A 428 -5.98 -7.55 -3.18
N LYS A 429 -5.44 -6.81 -4.14
CA LYS A 429 -6.07 -6.72 -5.45
C LYS A 429 -5.69 -7.93 -6.30
N SER A 430 -6.68 -8.48 -7.00
CA SER A 430 -6.44 -9.62 -7.86
C SER A 430 -5.67 -9.20 -9.12
N VAL A 431 -4.96 -10.16 -9.69
CA VAL A 431 -4.15 -9.89 -10.87
C VAL A 431 -5.06 -9.76 -12.08
N GLY A 432 -5.02 -8.59 -12.73
CA GLY A 432 -5.82 -8.37 -13.91
C GLY A 432 -7.22 -7.85 -13.62
N ARG A 433 -8.01 -8.66 -12.93
CA ARG A 433 -9.39 -8.27 -12.62
C ARG A 433 -9.43 -7.31 -11.44
N ASP A 434 -10.63 -6.85 -11.12
CA ASP A 434 -10.86 -5.93 -10.01
C ASP A 434 -11.34 -6.65 -8.75
N GLU A 435 -11.40 -7.99 -8.78
CA GLU A 435 -11.88 -8.72 -7.63
C GLU A 435 -10.87 -8.69 -6.49
N ARG A 436 -11.29 -9.21 -5.34
CA ARG A 436 -10.45 -9.25 -4.15
C ARG A 436 -9.80 -10.61 -4.02
N GLU A 437 -8.48 -10.63 -3.85
CA GLU A 437 -7.72 -11.85 -3.63
C GLU A 437 -7.45 -11.99 -2.14
N ASP A 438 -8.03 -13.01 -1.52
CA ASP A 438 -7.86 -13.24 -0.09
C ASP A 438 -6.61 -14.10 0.12
N ILE A 439 -5.54 -13.48 0.62
CA ILE A 439 -4.25 -14.16 0.71
C ILE A 439 -3.92 -14.46 2.17
N THR A 440 -4.93 -14.63 3.01
CA THR A 440 -4.67 -15.02 4.38
C THR A 440 -4.06 -16.41 4.48
N HIS A 441 -4.16 -17.23 3.43
CA HIS A 441 -3.61 -18.57 3.47
C HIS A 441 -2.09 -18.56 3.32
N THR A 442 -1.52 -17.52 2.72
CA THR A 442 -0.08 -17.46 2.57
C THR A 442 0.62 -16.85 3.77
N TYR A 443 -0.13 -16.28 4.71
CA TYR A 443 0.44 -15.73 5.94
C TYR A 443 0.30 -16.65 7.13
N LYS A 444 -0.77 -17.44 7.19
CA LYS A 444 -1.02 -18.35 8.30
C LYS A 444 -1.43 -19.71 7.75
N TYR A 445 -1.05 -20.75 8.49
CA TYR A 445 -1.51 -22.09 8.18
C TYR A 445 -2.98 -22.24 8.59
N PRO A 446 -3.69 -23.22 8.02
CA PRO A 446 -5.08 -23.42 8.42
C PRO A 446 -5.20 -23.70 9.92
N GLU A 447 -6.25 -23.17 10.51
CA GLU A 447 -6.44 -23.27 11.95
C GLU A 447 -6.68 -24.73 12.35
N GLY A 448 -6.09 -25.12 13.49
CA GLY A 448 -6.26 -26.47 13.99
C GLY A 448 -5.53 -27.53 13.21
N SER A 449 -4.49 -27.17 12.46
CA SER A 449 -3.74 -28.11 11.66
C SER A 449 -2.39 -28.43 12.30
N SER A 450 -1.80 -29.55 11.89
CA SER A 450 -0.49 -29.93 12.40
C SER A 450 0.58 -28.94 11.98
N GLU A 451 0.49 -28.43 10.74
CA GLU A 451 1.45 -27.44 10.28
C GLU A 451 1.37 -26.16 11.12
N GLU A 452 0.15 -25.74 11.47
CA GLU A 452 0.00 -24.58 12.35
C GLU A 452 0.64 -24.84 13.70
N ARG A 453 0.44 -26.05 14.25
CA ARG A 453 1.01 -26.38 15.55
C ARG A 453 2.54 -26.35 15.50
N GLU A 454 3.13 -26.93 14.45
CA GLU A 454 4.59 -26.94 14.37
C GLU A 454 5.15 -25.55 14.10
N ALA A 455 4.43 -24.72 13.33
CA ALA A 455 4.86 -23.33 13.14
C ALA A 455 4.82 -22.55 14.44
N PHE A 456 3.76 -22.76 15.24
CA PHE A 456 3.70 -22.10 16.55
C PHE A 456 4.80 -22.60 17.46
N THR A 457 5.10 -23.89 17.42
CA THR A 457 6.18 -24.44 18.23
C THR A 457 7.52 -23.83 17.84
N ARG A 458 7.77 -23.67 16.54
CA ARG A 458 9.00 -23.02 16.10
C ARG A 458 9.05 -21.55 16.49
N ALA A 459 7.91 -20.93 16.76
CA ALA A 459 7.84 -19.53 17.15
C ALA A 459 7.57 -19.35 18.64
N ASN A 460 7.55 -20.43 19.41
CA ASN A 460 7.26 -20.37 20.85
C ASN A 460 5.93 -19.68 21.13
N HIS A 461 4.95 -19.97 20.28
CA HIS A 461 3.64 -19.32 20.33
C HIS A 461 2.51 -20.30 20.57
N LEU A 462 2.82 -21.57 20.88
CA LEU A 462 1.81 -22.60 21.03
C LEU A 462 0.90 -22.37 22.23
N ASN A 463 1.09 -21.28 22.99
CA ASN A 463 0.25 -21.04 24.17
C ASN A 463 -1.20 -20.83 23.79
N LYS A 464 -1.45 -20.05 22.72
CA LYS A 464 -2.82 -19.73 22.34
C LYS A 464 -3.56 -20.91 21.74
N LEU A 465 -2.85 -21.96 21.30
CA LEU A 465 -3.50 -23.10 20.67
C LEU A 465 -4.33 -23.91 21.66
N ALA A 466 -4.12 -23.72 22.96
CA ALA A 466 -4.87 -24.46 23.96
C ALA A 466 -6.36 -24.15 23.88
N GLU A 467 -7.17 -25.17 24.13
CA GLU A 467 -8.62 -25.03 24.04
C GLU A 467 -9.15 -24.07 25.11
N LYS A 468 -10.12 -23.24 24.71
CA LYS A 468 -10.71 -22.25 25.59
C LYS A 468 -12.01 -22.79 26.19
N GLU A 469 -12.77 -21.92 26.86
CA GLU A 469 -14.02 -22.33 27.47
C GLU A 469 -15.03 -22.73 26.40
N GLU A 470 -15.90 -23.68 26.75
CA GLU A 470 -16.87 -24.27 25.83
C GLU A 470 -18.26 -24.29 26.47
N THR A 471 -18.68 -23.16 27.02
CA THR A 471 -20.01 -23.08 27.62
C THR A 471 -21.09 -23.12 26.55
N GLY A 472 -22.31 -23.39 26.99
CA GLY A 472 -23.43 -23.47 26.07
C GLY A 472 -23.87 -22.14 25.52
N MET A 473 -23.53 -21.04 26.20
CA MET A 473 -23.92 -19.72 25.73
C MET A 473 -23.15 -19.36 24.47
N ALA A 474 -23.85 -18.77 23.50
CA ALA A 474 -23.23 -18.31 22.27
C ALA A 474 -23.96 -17.07 21.79
N MET A 475 -23.21 -16.15 21.19
CA MET A 475 -23.67 -14.78 21.03
C MET A 475 -22.86 -14.09 19.95
N ARG A 476 -23.55 -13.32 19.10
CA ARG A 476 -22.85 -12.59 18.05
C ARG A 476 -23.65 -11.36 17.65
N ILE A 477 -22.96 -10.40 17.04
CA ILE A 477 -23.59 -9.17 16.56
C ILE A 477 -24.03 -9.38 15.11
N ARG A 478 -25.32 -9.18 14.85
CA ARG A 478 -25.91 -9.41 13.54
C ARG A 478 -26.37 -8.10 12.92
N VAL A 479 -26.27 -8.02 11.60
CA VAL A 479 -26.69 -6.87 10.82
C VAL A 479 -27.63 -7.36 9.73
N GLY A 480 -28.81 -6.76 9.65
CA GLY A 480 -29.81 -7.20 8.69
C GLY A 480 -29.57 -6.72 7.27
N GLN A 481 -29.62 -5.40 7.06
CA GLN A 481 -29.49 -4.80 5.74
C GLN A 481 -28.16 -4.08 5.61
N SER A 482 -27.95 -3.47 4.46
CA SER A 482 -26.71 -2.73 4.21
C SER A 482 -26.60 -1.52 5.13
N MET A 483 -25.37 -1.18 5.49
CA MET A 483 -25.09 -0.10 6.44
C MET A 483 -24.98 1.21 5.67
N ASN A 484 -26.12 1.82 5.39
CA ASN A 484 -26.17 3.07 4.64
C ASN A 484 -25.92 4.24 5.58
N MET A 485 -24.91 5.05 5.27
CA MET A 485 -24.55 6.17 6.12
C MET A 485 -25.58 7.29 5.99
N GLY A 486 -25.80 7.99 7.10
CA GLY A 486 -26.74 9.09 7.14
C GLY A 486 -28.16 8.71 7.50
N SER A 487 -28.43 7.43 7.75
CA SER A 487 -29.77 6.97 8.09
C SER A 487 -29.73 6.21 9.41
N ASP A 488 -30.83 6.26 10.15
CA ASP A 488 -30.95 5.51 11.39
C ASP A 488 -31.13 4.03 11.07
N PHE A 489 -30.63 3.18 11.96
CA PHE A 489 -30.73 1.74 11.70
C PHE A 489 -30.79 0.97 13.01
N ASP A 490 -30.94 -0.35 12.87
CA ASP A 490 -31.01 -1.27 13.99
C ASP A 490 -29.99 -2.38 13.80
N VAL A 491 -29.23 -2.68 14.85
CA VAL A 491 -28.23 -3.74 14.84
C VAL A 491 -28.59 -4.73 15.94
N PHE A 492 -28.65 -6.01 15.60
CA PHE A 492 -29.17 -7.01 16.51
C PHE A 492 -28.04 -7.66 17.29
N ALA A 493 -28.33 -8.08 18.51
CA ALA A 493 -27.47 -8.97 19.27
C ALA A 493 -28.17 -10.32 19.36
N HIS A 494 -27.55 -11.35 18.79
CA HIS A 494 -28.15 -12.67 18.64
C HIS A 494 -27.61 -13.57 19.73
N ILE A 495 -28.52 -14.13 20.53
CA ILE A 495 -28.20 -15.04 21.62
C ILE A 495 -28.81 -16.39 21.25
N THR A 496 -27.97 -17.43 21.15
CA THR A 496 -28.45 -18.77 20.89
C THR A 496 -28.13 -19.64 22.09
N ASN A 497 -29.12 -20.39 22.56
CA ASN A 497 -28.99 -21.21 23.76
C ASN A 497 -29.31 -22.66 23.41
N ASN A 498 -28.43 -23.57 23.82
CA ASN A 498 -28.65 -24.99 23.60
C ASN A 498 -28.30 -25.83 24.83
N THR A 499 -28.17 -25.21 26.00
CA THR A 499 -27.85 -25.93 27.23
C THR A 499 -29.08 -26.59 27.85
N ALA A 500 -30.27 -26.31 27.33
CA ALA A 500 -31.53 -26.78 27.92
C ALA A 500 -31.66 -26.32 29.37
N GLU A 501 -31.23 -25.08 29.63
CA GLU A 501 -31.28 -24.50 30.96
C GLU A 501 -31.69 -23.04 30.84
N GLU A 502 -32.80 -22.67 31.47
CA GLU A 502 -33.25 -21.29 31.46
C GLU A 502 -32.22 -20.40 32.13
N TYR A 503 -31.91 -19.27 31.48
CA TYR A 503 -30.88 -18.35 31.97
C TYR A 503 -31.47 -16.99 32.23
N VAL A 504 -31.05 -16.38 33.33
CA VAL A 504 -31.46 -15.02 33.68
C VAL A 504 -30.19 -14.17 33.64
N CYS A 505 -29.95 -13.52 32.50
CA CYS A 505 -28.74 -12.76 32.28
C CYS A 505 -29.08 -11.33 31.89
N ARG A 506 -28.11 -10.44 32.07
CA ARG A 506 -28.26 -9.03 31.73
C ARG A 506 -27.29 -8.66 30.62
N LEU A 507 -27.76 -7.86 29.68
CA LEU A 507 -27.06 -7.59 28.43
C LEU A 507 -26.77 -6.10 28.30
N LEU A 508 -25.64 -5.79 27.65
CA LEU A 508 -24.97 -4.51 27.76
C LEU A 508 -24.63 -3.92 26.39
N LEU A 509 -25.62 -3.81 25.50
CA LEU A 509 -25.35 -3.26 24.18
C LEU A 509 -24.83 -1.83 24.26
N CYS A 510 -23.79 -1.53 23.49
CA CYS A 510 -23.25 -0.18 23.43
C CYS A 510 -22.53 0.00 22.11
N ALA A 511 -22.87 1.06 21.38
CA ALA A 511 -22.26 1.37 20.09
C ALA A 511 -21.51 2.68 20.19
N ARG A 512 -20.27 2.69 19.73
CA ARG A 512 -19.42 3.88 19.79
C ARG A 512 -18.75 4.13 18.45
N THR A 513 -18.68 5.39 18.05
CA THR A 513 -17.94 5.76 16.85
C THR A 513 -16.46 5.56 17.09
N VAL A 514 -15.83 4.75 16.24
CA VAL A 514 -14.43 4.36 16.42
C VAL A 514 -13.69 4.54 15.11
N SER A 515 -12.45 5.02 15.20
CA SER A 515 -11.58 5.05 14.04
C SER A 515 -10.97 3.68 13.81
N TYR A 516 -10.29 3.53 12.68
CA TYR A 516 -9.66 2.25 12.38
C TYR A 516 -8.51 1.91 13.30
N ASN A 517 -7.99 2.89 14.06
CA ASN A 517 -6.98 2.62 15.07
C ASN A 517 -7.54 1.95 16.32
N GLY A 518 -8.87 1.85 16.43
CA GLY A 518 -9.48 1.38 17.65
C GLY A 518 -9.74 2.44 18.69
N ILE A 519 -9.49 3.71 18.36
CA ILE A 519 -9.72 4.82 19.30
C ILE A 519 -11.23 5.07 19.36
N LEU A 520 -11.87 4.56 20.41
CA LEU A 520 -13.31 4.72 20.55
C LEU A 520 -13.67 6.16 20.89
N GLY A 521 -14.87 6.56 20.44
CA GLY A 521 -15.38 7.87 20.73
C GLY A 521 -16.60 7.83 21.62
N PRO A 522 -17.37 8.92 21.65
CA PRO A 522 -18.58 8.95 22.49
C PRO A 522 -19.60 7.93 21.99
N GLU A 523 -20.41 7.44 22.94
CA GLU A 523 -21.42 6.44 22.61
C GLU A 523 -22.50 7.02 21.73
N CYS A 524 -22.91 6.25 20.72
CA CYS A 524 -23.98 6.63 19.81
C CYS A 524 -25.21 5.76 19.96
N GLY A 525 -25.40 5.17 21.14
CA GLY A 525 -26.53 4.29 21.38
C GLY A 525 -26.20 3.21 22.39
N THR A 526 -27.12 2.93 23.31
CA THR A 526 -26.85 1.96 24.36
C THR A 526 -28.15 1.26 24.74
N LYS A 527 -28.01 0.11 25.40
CA LYS A 527 -29.16 -0.68 25.83
C LYS A 527 -28.71 -1.57 26.98
N TYR A 528 -29.28 -1.33 28.16
CA TYR A 528 -28.89 -2.04 29.39
C TYR A 528 -30.07 -2.88 29.85
N LEU A 529 -30.14 -4.11 29.34
CA LEU A 529 -31.18 -5.03 29.79
C LEU A 529 -30.74 -5.71 31.07
N LEU A 530 -31.62 -5.71 32.07
CA LEU A 530 -31.27 -6.21 33.39
C LEU A 530 -31.93 -7.52 33.77
N ASN A 531 -32.96 -7.95 33.04
CA ASN A 531 -33.67 -9.17 33.36
C ASN A 531 -33.94 -9.98 32.09
N LEU A 532 -32.91 -10.09 31.24
CA LEU A 532 -33.04 -10.87 30.02
C LEU A 532 -33.22 -12.34 30.35
N ASN A 533 -34.23 -12.95 29.74
CA ASN A 533 -34.57 -14.35 29.97
C ASN A 533 -34.30 -15.16 28.71
N LEU A 534 -33.54 -16.24 28.85
CA LEU A 534 -33.21 -17.14 27.76
C LEU A 534 -33.83 -18.50 28.05
N GLU A 535 -34.82 -18.88 27.25
CA GLU A 535 -35.48 -20.16 27.42
C GLU A 535 -34.55 -21.29 26.98
N PRO A 536 -34.80 -22.51 27.47
CA PRO A 536 -34.04 -23.66 26.95
C PRO A 536 -34.27 -23.85 25.46
N PHE A 537 -33.17 -24.11 24.74
CA PHE A 537 -33.21 -24.33 23.30
C PHE A 537 -33.89 -23.17 22.56
N SER A 538 -33.62 -21.95 23.03
CA SER A 538 -34.21 -20.75 22.47
C SER A 538 -33.19 -19.97 21.66
N GLU A 539 -33.66 -18.88 21.05
CA GLU A 539 -32.80 -18.05 20.20
C GLU A 539 -33.45 -16.66 20.14
N LYS A 540 -32.80 -15.69 20.77
CA LYS A 540 -33.38 -14.36 20.97
C LYS A 540 -32.49 -13.30 20.34
N SER A 541 -33.11 -12.38 19.60
CA SER A 541 -32.41 -11.24 19.00
C SER A 541 -32.87 -9.96 19.70
N VAL A 542 -31.92 -9.24 20.28
CA VAL A 542 -32.18 -7.99 20.97
C VAL A 542 -31.70 -6.85 20.08
N PRO A 543 -32.59 -5.99 19.58
CA PRO A 543 -32.15 -4.91 18.70
C PRO A 543 -31.62 -3.71 19.46
N LEU A 544 -30.68 -3.01 18.82
CA LEU A 544 -30.16 -1.74 19.29
C LEU A 544 -30.38 -0.70 18.20
N CYS A 545 -30.97 0.43 18.56
CA CYS A 545 -31.30 1.48 17.61
C CYS A 545 -30.20 2.53 17.62
N ILE A 546 -29.52 2.69 16.49
CA ILE A 546 -28.49 3.69 16.32
C ILE A 546 -29.04 4.80 15.42
N LEU A 547 -28.96 6.03 15.91
CA LEU A 547 -29.59 7.18 15.26
C LEU A 547 -28.52 8.08 14.65
N TYR A 548 -28.85 8.68 13.51
CA TYR A 548 -27.91 9.56 12.83
C TYR A 548 -27.56 10.77 13.69
N GLU A 549 -28.53 11.27 14.46
CA GLU A 549 -28.28 12.43 15.31
C GLU A 549 -27.27 12.13 16.42
N LYS A 550 -27.00 10.85 16.69
CA LYS A 550 -26.08 10.47 17.75
C LYS A 550 -24.64 10.40 17.26
N TYR A 551 -24.41 9.73 16.13
CA TYR A 551 -23.06 9.55 15.62
C TYR A 551 -22.64 10.60 14.60
N ARG A 552 -23.49 11.59 14.33
CA ARG A 552 -23.13 12.61 13.34
C ARG A 552 -21.93 13.42 13.80
N ASP A 553 -21.87 13.77 15.09
CA ASP A 553 -20.83 14.69 15.57
C ASP A 553 -19.46 14.03 15.57
N CYS A 554 -19.36 12.82 16.09
CA CYS A 554 -18.08 12.20 16.39
C CYS A 554 -17.71 11.06 15.47
N LEU A 555 -18.43 10.87 14.36
CA LEU A 555 -18.08 9.81 13.44
C LEU A 555 -16.75 10.11 12.75
N THR A 556 -15.89 9.11 12.70
CA THR A 556 -14.62 9.25 12.01
C THR A 556 -14.84 9.31 10.50
N GLU A 557 -13.80 9.71 9.79
CA GLU A 557 -13.88 9.82 8.33
C GLU A 557 -13.86 8.47 7.64
N SER A 558 -13.59 7.39 8.38
CA SER A 558 -13.59 6.04 7.82
C SER A 558 -14.94 5.34 7.97
N ASN A 559 -15.92 6.02 8.57
CA ASN A 559 -17.29 5.49 8.70
C ASN A 559 -17.32 4.13 9.40
N LEU A 560 -16.63 4.06 10.54
CA LEU A 560 -16.56 2.83 11.32
C LEU A 560 -17.25 3.04 12.66
N ILE A 561 -18.07 2.07 13.07
CA ILE A 561 -18.75 2.09 14.35
C ILE A 561 -18.58 0.73 15.01
N LYS A 562 -18.14 0.72 16.27
CA LYS A 562 -17.94 -0.52 17.00
C LYS A 562 -19.15 -0.77 17.90
N VAL A 563 -19.80 -1.90 17.70
CA VAL A 563 -20.92 -2.34 18.54
C VAL A 563 -20.40 -3.44 19.44
N ARG A 564 -20.41 -3.20 20.74
CA ARG A 564 -19.94 -4.15 21.74
C ARG A 564 -21.10 -4.52 22.66
N ALA A 565 -21.33 -5.80 22.86
CA ALA A 565 -22.38 -6.28 23.73
C ALA A 565 -21.81 -7.31 24.69
N LEU A 566 -22.28 -7.25 25.93
CA LEU A 566 -21.78 -8.11 27.00
C LEU A 566 -22.97 -8.79 27.69
N LEU A 567 -22.97 -10.11 27.70
CA LEU A 567 -23.97 -10.91 28.37
C LEU A 567 -23.37 -11.43 29.67
N VAL A 568 -23.85 -10.92 30.80
CA VAL A 568 -23.29 -11.27 32.10
C VAL A 568 -24.39 -11.88 32.96
N GLU A 569 -24.08 -13.00 33.58
CA GLU A 569 -24.98 -13.68 34.50
C GLU A 569 -24.63 -13.31 35.93
N PRO A 570 -25.61 -12.96 36.77
CA PRO A 570 -25.28 -12.56 38.15
C PRO A 570 -24.56 -13.63 38.94
N VAL A 571 -24.81 -14.91 38.64
CA VAL A 571 -24.16 -16.01 39.33
C VAL A 571 -22.67 -16.06 38.94
N ILE A 572 -21.91 -16.89 39.66
CA ILE A 572 -20.46 -16.95 39.51
C ILE A 572 -20.02 -17.30 38.09
N ASN A 573 -20.91 -17.84 37.26
CA ASN A 573 -20.53 -18.28 35.93
C ASN A 573 -19.93 -17.13 35.12
N SER A 574 -19.16 -17.49 34.10
CA SER A 574 -18.33 -16.53 33.37
C SER A 574 -19.18 -15.59 32.53
N TYR A 575 -18.49 -14.66 31.86
CA TYR A 575 -19.12 -13.60 31.10
C TYR A 575 -18.94 -13.86 29.60
N LEU A 576 -19.89 -13.39 28.80
CA LEU A 576 -19.84 -13.56 27.36
C LEU A 576 -19.75 -12.20 26.69
N LEU A 577 -18.95 -12.10 25.63
CA LEU A 577 -18.69 -10.83 24.97
C LEU A 577 -18.80 -11.01 23.46
N ALA A 578 -19.25 -9.97 22.78
CA ALA A 578 -19.33 -10.02 21.31
C ALA A 578 -19.21 -8.60 20.77
N GLU A 579 -18.28 -8.40 19.85
CA GLU A 579 -18.05 -7.10 19.24
C GLU A 579 -18.10 -7.22 17.73
N ARG A 580 -18.41 -6.11 17.08
CA ARG A 580 -18.45 -6.06 15.62
C ARG A 580 -18.14 -4.64 15.16
N ASP A 581 -17.54 -4.54 13.97
CA ASP A 581 -17.25 -3.27 13.35
C ASP A 581 -18.15 -3.09 12.13
N LEU A 582 -18.91 -2.01 12.11
CA LEU A 582 -19.84 -1.71 11.02
C LEU A 582 -19.26 -0.58 10.19
N TYR A 583 -19.22 -0.77 8.87
CA TYR A 583 -18.79 0.26 7.94
C TYR A 583 -20.02 0.89 7.32
N LEU A 584 -20.23 2.17 7.59
CA LEU A 584 -21.37 2.90 7.03
C LEU A 584 -21.06 3.25 5.58
N GLU A 585 -21.90 2.78 4.66
CA GLU A 585 -21.63 2.93 3.24
C GLU A 585 -21.88 4.36 2.79
N ASN A 586 -20.88 4.94 2.13
CA ASN A 586 -21.05 6.25 1.52
C ASN A 586 -21.94 6.14 0.29
N PRO A 587 -22.61 7.22 -0.10
CA PRO A 587 -23.42 7.18 -1.32
C PRO A 587 -22.54 6.95 -2.55
N GLU A 588 -23.09 6.23 -3.52
CA GLU A 588 -22.35 5.90 -4.72
C GLU A 588 -22.16 7.12 -5.60
N ILE A 589 -20.96 7.26 -6.16
CA ILE A 589 -20.65 8.33 -7.11
C ILE A 589 -20.85 7.77 -8.51
N LYS A 590 -21.82 8.33 -9.23
CA LYS A 590 -22.15 7.85 -10.57
C LYS A 590 -21.25 8.57 -11.57
N ILE A 591 -20.38 7.82 -12.22
CA ILE A 591 -19.43 8.35 -13.19
C ILE A 591 -19.86 7.91 -14.58
N ARG A 592 -19.94 8.86 -15.51
CA ARG A 592 -20.29 8.57 -16.89
C ARG A 592 -19.26 9.24 -17.79
N ILE A 593 -19.01 8.65 -18.96
CA ILE A 593 -18.08 9.20 -19.93
C ILE A 593 -18.85 9.45 -21.22
N LEU A 594 -18.87 10.71 -21.67
CA LEU A 594 -19.58 11.07 -22.89
C LEU A 594 -18.58 11.29 -24.00
N GLY A 595 -18.85 10.70 -25.16
CA GLY A 595 -17.92 10.71 -26.28
C GLY A 595 -17.15 9.40 -26.36
N GLU A 596 -16.40 9.28 -27.46
CA GLU A 596 -15.63 8.07 -27.70
C GLU A 596 -14.23 8.24 -27.14
N PRO A 597 -13.77 7.34 -26.26
CA PRO A 597 -12.42 7.48 -25.71
C PRO A 597 -11.35 7.28 -26.76
N LYS A 598 -10.61 8.34 -27.07
CA LYS A 598 -9.55 8.29 -28.07
C LYS A 598 -8.32 9.00 -27.52
N GLN A 599 -7.15 8.52 -27.93
CA GLN A 599 -5.90 9.11 -27.50
C GLN A 599 -5.75 10.52 -28.07
N LYS A 600 -5.27 11.44 -27.24
CA LYS A 600 -5.08 12.85 -27.62
C LYS A 600 -6.37 13.44 -28.19
N ARG A 601 -7.49 13.11 -27.56
CA ARG A 601 -8.80 13.61 -27.97
C ARG A 601 -9.57 14.08 -26.75
N LYS A 602 -10.44 15.05 -26.95
CA LYS A 602 -11.23 15.60 -25.85
C LYS A 602 -12.18 14.55 -25.31
N LEU A 603 -12.33 14.52 -23.98
CA LEU A 603 -13.28 13.64 -23.32
C LEU A 603 -13.98 14.44 -22.24
N VAL A 604 -15.23 14.07 -21.95
CA VAL A 604 -15.99 14.72 -20.90
C VAL A 604 -16.53 13.68 -19.93
N ALA A 605 -16.34 13.94 -18.64
CA ALA A 605 -16.76 13.06 -17.56
C ALA A 605 -17.91 13.70 -16.81
N GLU A 606 -19.04 13.01 -16.77
CA GLU A 606 -20.25 13.46 -16.09
C GLU A 606 -20.31 12.75 -14.74
N VAL A 607 -20.03 13.50 -13.68
CA VAL A 607 -19.99 12.95 -12.33
C VAL A 607 -21.23 13.43 -11.59
N SER A 608 -21.87 12.52 -10.86
CA SER A 608 -23.08 12.87 -10.14
C SER A 608 -23.11 12.13 -8.80
N LEU A 609 -23.85 12.71 -7.86
CA LEU A 609 -24.01 12.14 -6.54
C LEU A 609 -25.36 12.57 -5.98
N GLN A 610 -25.94 11.73 -5.13
CA GLN A 610 -27.20 12.02 -4.47
C GLN A 610 -26.96 12.15 -2.98
N ASN A 611 -27.33 13.28 -2.40
CA ASN A 611 -27.08 13.54 -0.99
C ASN A 611 -27.99 12.68 -0.13
N PRO A 612 -27.44 11.80 0.72
CA PRO A 612 -28.29 10.95 1.55
C PRO A 612 -28.65 11.61 2.88
N LEU A 613 -27.86 12.59 3.30
CA LEU A 613 -28.08 13.22 4.59
C LEU A 613 -29.39 14.01 4.60
N PRO A 614 -30.08 14.05 5.73
CA PRO A 614 -31.30 14.86 5.84
C PRO A 614 -31.04 16.37 5.84
N VAL A 615 -29.78 16.79 5.84
CA VAL A 615 -29.43 18.20 5.86
C VAL A 615 -28.69 18.56 4.58
N ALA A 616 -28.30 19.82 4.43
CA ALA A 616 -27.69 20.32 3.22
C ALA A 616 -26.17 20.33 3.34
N LEU A 617 -25.50 19.98 2.24
CA LEU A 617 -24.04 20.03 2.17
C LEU A 617 -23.62 21.37 1.60
N GLU A 618 -22.68 22.03 2.28
CA GLU A 618 -22.30 23.40 1.92
C GLU A 618 -21.13 23.45 0.94
N GLY A 619 -19.98 22.89 1.36
CA GLY A 619 -18.78 23.01 0.56
C GLY A 619 -18.50 21.81 -0.34
N CYS A 620 -19.43 21.51 -1.24
CA CYS A 620 -19.23 20.39 -2.15
C CYS A 620 -18.04 20.64 -3.07
N THR A 621 -17.25 19.60 -3.31
CA THR A 621 -16.03 19.72 -4.11
C THR A 621 -15.69 18.37 -4.70
N PHE A 622 -15.71 18.28 -6.03
CA PHE A 622 -15.31 17.06 -6.72
C PHE A 622 -13.85 17.17 -7.16
N THR A 623 -13.15 16.04 -7.09
CA THR A 623 -11.75 15.97 -7.48
C THR A 623 -11.47 14.65 -8.16
N VAL A 624 -11.05 14.69 -9.42
CA VAL A 624 -10.75 13.48 -10.16
C VAL A 624 -9.28 13.46 -10.53
N GLU A 625 -8.75 12.24 -10.65
CA GLU A 625 -7.35 12.02 -10.98
C GLU A 625 -7.22 10.70 -11.73
N GLY A 626 -6.30 10.66 -12.68
CA GLY A 626 -6.02 9.46 -13.44
C GLY A 626 -4.63 9.49 -14.05
N ALA A 627 -3.86 8.42 -13.86
CA ALA A 627 -2.49 8.39 -14.37
C ALA A 627 -2.48 8.41 -15.89
N GLY A 628 -3.37 7.65 -16.53
CA GLY A 628 -3.45 7.59 -17.97
C GLY A 628 -4.53 8.42 -18.61
N LEU A 629 -5.13 9.35 -17.87
CA LEU A 629 -6.22 10.16 -18.40
C LEU A 629 -5.96 11.66 -18.32
N THR A 630 -5.28 12.12 -17.27
CA THR A 630 -5.02 13.53 -17.07
C THR A 630 -3.62 13.72 -16.50
N GLU A 631 -3.06 14.90 -16.76
CA GLU A 631 -1.73 15.25 -16.25
C GLU A 631 -1.76 15.85 -14.86
N GLU A 632 -2.94 16.23 -14.36
CA GLU A 632 -3.06 16.80 -13.03
C GLU A 632 -4.49 16.63 -12.55
N GLN A 633 -4.69 16.77 -11.24
CA GLN A 633 -6.01 16.62 -10.67
C GLN A 633 -6.96 17.69 -11.19
N LYS A 634 -8.18 17.27 -11.50
CA LYS A 634 -9.23 18.17 -11.95
C LYS A 634 -10.20 18.37 -10.78
N THR A 635 -10.25 19.59 -10.27
CA THR A 635 -11.06 19.92 -9.09
C THR A 635 -12.10 20.96 -9.48
N VAL A 636 -13.35 20.69 -9.11
CA VAL A 636 -14.44 21.63 -9.32
C VAL A 636 -15.15 21.85 -7.99
N GLU A 637 -15.52 23.10 -7.72
CA GLU A 637 -16.20 23.47 -6.48
C GLU A 637 -17.60 23.97 -6.84
N ILE A 638 -18.61 23.34 -6.26
CA ILE A 638 -20.00 23.76 -6.48
C ILE A 638 -20.29 24.96 -5.59
N PRO A 639 -20.64 26.10 -6.16
CA PRO A 639 -20.87 27.31 -5.36
C PRO A 639 -22.26 27.44 -4.74
N ASP A 640 -23.07 26.38 -4.76
CA ASP A 640 -24.41 26.42 -4.21
C ASP A 640 -24.64 25.17 -3.36
N PRO A 641 -25.10 25.32 -2.12
CA PRO A 641 -25.38 24.14 -1.29
C PRO A 641 -26.51 23.30 -1.89
N VAL A 642 -26.42 22.00 -1.68
CA VAL A 642 -27.42 21.05 -2.16
C VAL A 642 -28.21 20.54 -0.96
N GLU A 643 -29.53 20.59 -1.06
CA GLU A 643 -30.38 20.22 0.05
C GLU A 643 -30.53 18.70 0.12
N ALA A 644 -31.30 18.24 1.10
CA ALA A 644 -31.53 16.81 1.27
C ALA A 644 -32.27 16.23 0.07
N GLY A 645 -31.81 15.07 -0.39
CA GLY A 645 -32.38 14.43 -1.55
C GLY A 645 -31.96 15.02 -2.88
N GLU A 646 -31.49 16.27 -2.91
CA GLU A 646 -31.04 16.88 -4.14
C GLU A 646 -29.78 16.21 -4.65
N GLU A 647 -29.58 16.26 -5.96
CA GLU A 647 -28.48 15.59 -6.62
C GLU A 647 -27.50 16.62 -7.17
N VAL A 648 -26.23 16.46 -6.81
CA VAL A 648 -25.16 17.29 -7.33
C VAL A 648 -24.62 16.66 -8.61
N LYS A 649 -24.29 17.50 -9.59
CA LYS A 649 -23.92 17.03 -10.92
C LYS A 649 -22.91 18.00 -11.51
N VAL A 650 -21.77 17.47 -11.97
CA VAL A 650 -20.70 18.27 -12.55
C VAL A 650 -20.18 17.58 -13.79
N ARG A 651 -19.50 18.36 -14.64
CA ARG A 651 -18.85 17.86 -15.84
C ARG A 651 -17.40 18.32 -15.86
N MET A 652 -16.51 17.43 -16.28
CA MET A 652 -15.08 17.73 -16.32
C MET A 652 -14.52 17.38 -17.69
N ASP A 653 -13.43 18.07 -18.06
CA ASP A 653 -12.77 17.88 -19.34
C ASP A 653 -11.46 17.12 -19.14
N LEU A 654 -11.25 16.09 -19.94
CA LEU A 654 -10.08 15.25 -19.86
C LEU A 654 -9.41 15.15 -21.23
N LEU A 655 -8.09 14.98 -21.21
CA LEU A 655 -7.28 14.83 -22.42
C LEU A 655 -6.41 13.60 -22.26
N PRO A 656 -6.95 12.40 -22.49
CA PRO A 656 -6.15 11.19 -22.35
C PRO A 656 -4.98 11.18 -23.33
N LEU A 657 -3.86 10.64 -22.87
CA LEU A 657 -2.63 10.64 -23.65
C LEU A 657 -1.97 9.27 -23.77
N HIS A 658 -2.51 8.25 -23.10
CA HIS A 658 -1.92 6.92 -23.13
C HIS A 658 -3.00 5.90 -23.49
N MET A 659 -2.56 4.79 -24.08
CA MET A 659 -3.46 3.75 -24.54
C MET A 659 -3.85 2.84 -23.37
N GLY A 660 -4.54 1.75 -23.67
CA GLY A 660 -4.86 0.76 -22.67
C GLY A 660 -6.01 1.15 -21.75
N LEU A 661 -6.07 0.44 -20.63
CA LEU A 661 -7.11 0.63 -19.63
C LEU A 661 -6.62 1.60 -18.55
N HIS A 662 -7.56 2.36 -17.99
CA HIS A 662 -7.26 3.30 -16.93
C HIS A 662 -8.48 3.42 -16.02
N LYS A 663 -8.23 3.88 -14.80
CA LYS A 663 -9.28 4.10 -13.82
C LYS A 663 -9.36 5.59 -13.49
N LEU A 664 -10.57 6.13 -13.51
CA LEU A 664 -10.80 7.52 -13.15
C LEU A 664 -11.16 7.58 -11.68
N VAL A 665 -10.23 8.03 -10.85
CA VAL A 665 -10.48 8.10 -9.41
C VAL A 665 -11.19 9.40 -9.10
N VAL A 666 -12.35 9.30 -8.44
CA VAL A 666 -13.21 10.44 -8.15
C VAL A 666 -13.39 10.53 -6.64
N ASN A 667 -13.29 11.75 -6.11
CA ASN A 667 -13.43 12.00 -4.68
C ASN A 667 -14.39 13.17 -4.47
N PHE A 668 -15.30 13.01 -3.51
CA PHE A 668 -16.23 14.04 -3.12
C PHE A 668 -15.89 14.50 -1.72
N GLU A 669 -15.82 15.82 -1.52
CA GLU A 669 -15.41 16.41 -0.26
C GLU A 669 -16.32 17.59 0.05
N SER A 670 -17.15 17.45 1.07
CA SER A 670 -18.06 18.51 1.50
C SER A 670 -17.81 18.83 2.98
N ASP A 671 -18.65 19.71 3.52
CA ASP A 671 -18.50 20.09 4.93
C ASP A 671 -19.04 19.00 5.86
N LYS A 672 -20.10 18.31 5.45
CA LYS A 672 -20.71 17.28 6.27
C LYS A 672 -20.53 15.88 5.73
N LEU A 673 -20.57 15.69 4.42
CA LEU A 673 -20.26 14.42 3.79
C LEU A 673 -18.77 14.41 3.47
N LYS A 674 -18.04 13.51 4.11
CA LYS A 674 -16.59 13.49 4.01
C LYS A 674 -16.17 12.84 2.69
N ALA A 675 -14.89 12.51 2.57
CA ALA A 675 -14.34 11.97 1.33
C ALA A 675 -15.09 10.72 0.89
N VAL A 676 -15.75 10.82 -0.26
CA VAL A 676 -16.49 9.72 -0.86
C VAL A 676 -15.78 9.32 -2.15
N LYS A 677 -15.44 8.05 -2.27
CA LYS A 677 -14.60 7.57 -3.37
C LYS A 677 -15.44 6.93 -4.47
N GLY A 678 -14.85 6.91 -5.66
CA GLY A 678 -15.47 6.25 -6.80
C GLY A 678 -14.48 6.00 -7.92
N PHE A 679 -14.78 5.05 -8.81
CA PHE A 679 -13.87 4.72 -9.89
C PHE A 679 -14.66 4.20 -11.08
N ARG A 680 -14.02 4.24 -12.25
CA ARG A 680 -14.62 3.74 -13.48
C ARG A 680 -13.52 3.39 -14.46
N ASN A 681 -13.62 2.22 -15.08
CA ASN A 681 -12.63 1.76 -16.04
C ASN A 681 -12.95 2.30 -17.43
N VAL A 682 -11.94 2.86 -18.09
CA VAL A 682 -12.07 3.36 -19.45
C VAL A 682 -10.92 2.80 -20.29
N ILE A 683 -11.23 2.41 -21.52
CA ILE A 683 -10.24 1.87 -22.45
C ILE A 683 -10.04 2.91 -23.55
N ILE A 684 -8.80 3.42 -23.65
CA ILE A 684 -8.49 4.46 -24.62
C ILE A 684 -8.36 3.83 -26.01
N GLY A 685 -9.03 4.43 -26.99
CA GLY A 685 -9.01 3.93 -28.35
C GLY A 685 -7.69 4.19 -29.05
N PRO A 686 -7.45 3.48 -30.15
CA PRO A 686 -6.17 3.63 -30.86
C PRO A 686 -5.94 5.03 -31.41
N ALA A 687 -6.99 5.73 -31.82
CA ALA A 687 -6.83 7.06 -32.41
C ALA A 687 -6.38 8.08 -31.38
PB GDP B . -25.29 -11.98 10.05
O1B GDP B . -24.52 -13.26 9.84
O2B GDP B . -26.62 -12.28 10.71
O3B GDP B . -24.49 -11.05 10.92
O3A GDP B . -25.56 -11.28 8.63
PA GDP B . -24.34 -10.97 7.64
O1A GDP B . -23.68 -12.25 7.18
O2A GDP B . -23.33 -10.06 8.31
O5' GDP B . -25.05 -10.21 6.42
C5' GDP B . -24.35 -10.00 5.19
C4' GDP B . -24.92 -8.76 4.51
O4' GDP B . -24.92 -7.70 5.47
C3' GDP B . -24.04 -8.33 3.35
O3' GDP B . -24.79 -8.38 2.14
C2' GDP B . -23.62 -6.91 3.65
O2' GDP B . -24.05 -6.05 2.59
C1' GDP B . -24.33 -6.52 4.93
N9 GDP B . -23.35 -5.98 5.90
C8 GDP B . -22.86 -6.64 6.97
N7 GDP B . -21.98 -5.86 7.67
C5 GDP B . -21.90 -4.69 7.02
C6 GDP B . -21.16 -3.42 7.21
O6 GDP B . -20.37 -3.28 8.17
N1 GDP B . -21.34 -2.44 6.32
C2 GDP B . -22.19 -2.57 5.28
N2 GDP B . -22.33 -1.53 4.42
N3 GDP B . -22.90 -3.70 5.05
C4 GDP B . -22.80 -4.76 5.86
#